data_9EK0
#
_entry.id   9EK0
#
_cell.length_a   1.00
_cell.length_b   1.00
_cell.length_c   1.00
_cell.angle_alpha   90.00
_cell.angle_beta   90.00
_cell.angle_gamma   90.00
#
_symmetry.space_group_name_H-M   'P 1'
#
loop_
_entity.id
_entity.type
_entity.pdbx_description
1 polymer 'Muscarinic acetylcholine receptor M5'
2 polymer 'Guanine nucleotide-binding protein G(I)/G(S)/G(T) subunit beta-1'
3 polymer 'Guanine nucleotide-binding protein Gq alpha subunit chimera'
4 polymer 'Guanine nucleotide-binding protein G(I)/G(S)/G(O) subunit gamma-2'
5 non-polymer 4-(4,5-dihydro-1,2-oxazol-3-yloxy)-N,N,N-trimethylbut-2-yn-1-aminium
#
loop_
_entity_poly.entity_id
_entity_poly.type
_entity_poly.pdbx_seq_one_letter_code
_entity_poly.pdbx_strand_id
1 'polypeptide(L)'
;DYKDDDDAEGDSYHNATTVNGTPVNHQPLERHRLWEVITIAAVTAVVSLITIVGNVLVMISFKVNSQLKTVNNYYLLSLA
CADLIIGIFSMNLYTTYILMGRWALGSLACDLWLALDYVASNASVMNLLVISFDRYFSITRPLTYRAKRTPKRAGIMIGL
AWLISFILWAPAILCWQYLVGKRTVPLDECQIQFLSEPTITFGTAIAAFYIPVSVMTILYCRIYRETEKRTKDLADLQGS
DSVPSHQMTKRKRVVLVKERKAAQTLSAILLAFIITWTPYNIMVLVSTFCDKCVPVTLWHLGYWLCYVNSTVNPICYALC
NRTFRKTFKMLLLCRWKKKKVEE
;
R
2 'polypeptide(L)'
;MHHHHHHGSSGSELDQLRQEAEQLKNQIRDARKACADATLSQITNNIDPVGRIQMRTRRTLRGHLAKIYAMHWGTDSRLL
VSASQDGKLIIWDSYTTNKVHAIPLRSSWVMTCAYAPSGNYVACGGLDNICSIYNLKTREGNVRVSRELAGHTGYLSCCR
FLDDNQIVTSSGDTTCALWDIETGQQTTTFTGHTGDVMSLSLAPDTRLFVSGACDASAKLWDVREGMCRQTFTGHESDIN
AICFFPNGNAFATGSDDATCRLFDLRADQELMTYSHDNIICGITSVSFSKSGRLLLAGYDDFNCNVWDALKADRAGVLAG
HDNRVSCLGVTDDGMAVATGSWDSFLKIWN
;
B
3 'polypeptide(L)'
;GCTLSAEDKAAVERSKMIDRNLREDGEKARRTLRLLLLGADNSGKSTIVKQMRILHGGSGGSGGTSGIFETKFQVDKVNF
HMFDVGGQRDERRKWIQCFNDVTAIIFVVDSSDYNRLQEALNDFKSIWNNRWLRTISVILFLNKQDLLAEKVLAGKSKIE
DYFPEFARYTTPEDATPEPGEDPRVTRAKYFIRKEFVDISTASGDGRHICYPHFTCAVDTENARRIFNDCKDIILQMNLR
EYNLV
;
A
4 'polypeptide(L)' MASNNTASIAQARKLVEQLKMEANIDRIKVSKAAADLMAYCEAHAKEDPLLTPVPASENPFREKKFFC G
#
# COMPACT_ATOMS: atom_id res chain seq x y z
N ARG A 33 10.00 28.24 51.20
CA ARG A 33 10.14 26.79 51.06
C ARG A 33 8.89 26.17 50.46
N LEU A 34 7.76 26.86 50.62
CA LEU A 34 6.51 26.38 50.04
C LEU A 34 6.51 26.51 48.52
N TRP A 35 7.11 27.59 48.00
CA TRP A 35 7.21 27.76 46.55
C TRP A 35 8.10 26.71 45.91
N GLU A 36 9.15 26.27 46.63
CA GLU A 36 10.04 25.24 46.11
C GLU A 36 9.31 23.90 45.96
N VAL A 37 8.53 23.50 46.97
CA VAL A 37 7.84 22.23 46.87
C VAL A 37 6.65 22.32 45.93
N ILE A 38 6.06 23.52 45.78
CA ILE A 38 5.01 23.71 44.77
C ILE A 38 5.59 23.57 43.36
N THR A 39 6.78 24.15 43.14
CA THR A 39 7.46 24.03 41.85
C THR A 39 7.84 22.58 41.56
N ILE A 40 8.34 21.86 42.58
CA ILE A 40 8.71 20.46 42.42
C ILE A 40 7.48 19.62 42.09
N ALA A 41 6.37 19.85 42.80
CA ALA A 41 5.13 19.11 42.53
C ALA A 41 4.59 19.41 41.14
N ALA A 42 4.68 20.67 40.71
CA ALA A 42 4.21 21.04 39.37
C ALA A 42 5.05 20.40 38.28
N VAL A 43 6.38 20.39 38.45
CA VAL A 43 7.27 19.80 37.45
C VAL A 43 7.05 18.29 37.38
N THR A 44 6.85 17.64 38.53
CA THR A 44 6.67 16.19 38.52
C THR A 44 5.30 15.81 37.96
N ALA A 45 4.28 16.64 38.22
CA ALA A 45 2.96 16.40 37.65
C ALA A 45 2.96 16.59 36.14
N VAL A 46 3.68 17.61 35.64
CA VAL A 46 3.76 17.84 34.20
C VAL A 46 4.47 16.68 33.51
N VAL A 47 5.56 16.17 34.09
CA VAL A 47 6.29 15.10 33.42
C VAL A 47 5.53 13.77 33.53
N SER A 48 4.82 13.54 34.63
CA SER A 48 3.98 12.34 34.75
C SER A 48 2.81 12.39 33.77
N LEU A 49 2.19 13.56 33.60
CA LEU A 49 1.11 13.70 32.63
C LEU A 49 1.63 13.50 31.22
N ILE A 50 2.84 14.01 30.92
CA ILE A 50 3.41 13.89 29.58
C ILE A 50 3.69 12.43 29.25
N THR A 51 4.28 11.67 30.18
CA THR A 51 4.56 10.28 29.87
C THR A 51 3.30 9.42 29.85
N ILE A 52 2.29 9.77 30.65
CA ILE A 52 1.02 9.04 30.63
C ILE A 52 0.31 9.22 29.29
N VAL A 53 0.23 10.47 28.82
CA VAL A 53 -0.44 10.69 27.54
C VAL A 53 0.40 10.16 26.38
N GLY A 54 1.74 10.15 26.52
CA GLY A 54 2.57 9.60 25.46
C GLY A 54 2.41 8.10 25.30
N ASN A 55 2.41 7.37 26.42
CA ASN A 55 2.25 5.92 26.32
C ASN A 55 0.81 5.52 25.98
N VAL A 56 -0.17 6.32 26.42
CA VAL A 56 -1.55 6.09 26.02
C VAL A 56 -1.71 6.32 24.52
N LEU A 57 -1.05 7.35 23.98
CA LEU A 57 -1.08 7.58 22.54
C LEU A 57 -0.37 6.48 21.76
N VAL A 58 0.67 5.87 22.34
CA VAL A 58 1.35 4.81 21.59
C VAL A 58 0.50 3.54 21.57
N MET A 59 -0.24 3.30 22.66
CA MET A 59 -1.16 2.16 22.68
C MET A 59 -2.34 2.38 21.74
N ILE A 60 -2.89 3.60 21.72
CA ILE A 60 -4.03 3.90 20.86
C ILE A 60 -3.62 3.88 19.40
N SER A 61 -2.43 4.41 19.08
CA SER A 61 -1.92 4.39 17.71
C SER A 61 -1.60 2.98 17.24
N PHE A 62 -1.32 2.05 18.15
CA PHE A 62 -1.18 0.69 17.68
C PHE A 62 -2.55 0.05 17.50
N LYS A 63 -3.49 0.35 18.40
CA LYS A 63 -4.78 -0.34 18.39
C LYS A 63 -5.62 0.07 17.19
N VAL A 64 -5.68 1.36 16.86
CA VAL A 64 -6.59 1.83 15.83
C VAL A 64 -6.00 1.77 14.43
N ASN A 65 -4.70 1.50 14.30
CA ASN A 65 -4.03 1.43 13.01
C ASN A 65 -3.56 0.00 12.78
N SER A 66 -4.16 -0.68 11.80
CA SER A 66 -3.77 -2.04 11.47
C SER A 66 -2.47 -2.10 10.67
N GLN A 67 -2.05 -0.99 10.07
CA GLN A 67 -0.75 -0.95 9.41
C GLN A 67 0.39 -0.99 10.41
N LEU A 68 0.15 -0.51 11.63
CA LEU A 68 1.14 -0.54 12.69
C LEU A 68 1.14 -1.85 13.46
N LYS A 69 0.25 -2.79 13.12
CA LYS A 69 0.19 -4.06 13.81
C LYS A 69 1.19 -5.04 13.18
N THR A 70 2.46 -4.72 13.35
CA THR A 70 3.55 -5.51 12.83
C THR A 70 4.21 -6.26 13.98
N VAL A 71 5.20 -7.10 13.63
CA VAL A 71 5.92 -7.85 14.62
C VAL A 71 6.84 -6.95 15.44
N ASN A 72 7.50 -6.00 14.79
CA ASN A 72 8.47 -5.15 15.49
C ASN A 72 7.81 -4.13 16.42
N ASN A 73 6.52 -3.86 16.25
CA ASN A 73 5.86 -2.88 17.09
C ASN A 73 5.26 -3.51 18.35
N TYR A 74 5.36 -4.84 18.47
CA TYR A 74 4.96 -5.49 19.71
C TYR A 74 5.95 -5.15 20.81
N TYR A 75 7.22 -4.98 20.42
CA TYR A 75 8.28 -4.63 21.36
C TYR A 75 8.05 -3.24 21.89
N LEU A 76 7.47 -2.37 21.06
CA LEU A 76 7.21 -0.99 21.43
C LEU A 76 5.98 -0.93 22.30
N LEU A 77 5.05 -1.85 22.11
CA LEU A 77 3.91 -1.93 23.02
C LEU A 77 4.34 -2.42 24.39
N SER A 78 5.26 -3.38 24.43
CA SER A 78 5.83 -3.84 25.70
C SER A 78 6.48 -2.67 26.42
N LEU A 79 7.35 -1.94 25.70
CA LEU A 79 8.02 -0.77 26.26
C LEU A 79 7.01 0.25 26.77
N ALA A 80 5.95 0.50 26.00
CA ALA A 80 4.93 1.47 26.36
C ALA A 80 4.18 1.04 27.62
N CYS A 81 3.89 -0.27 27.74
CA CYS A 81 3.24 -0.78 28.95
C CYS A 81 4.13 -0.60 30.17
N ALA A 82 5.43 -0.90 30.04
CA ALA A 82 6.36 -0.70 31.15
C ALA A 82 6.45 0.77 31.54
N ASP A 83 6.52 1.67 30.56
CA ASP A 83 6.61 3.09 30.86
C ASP A 83 5.30 3.65 31.40
N LEU A 84 4.17 3.04 31.05
CA LEU A 84 2.89 3.48 31.62
C LEU A 84 2.76 3.02 33.07
N ILE A 85 3.25 1.82 33.38
CA ILE A 85 3.30 1.37 34.78
C ILE A 85 4.21 2.29 35.59
N ILE A 86 5.33 2.72 35.00
CA ILE A 86 6.23 3.65 35.67
C ILE A 86 5.56 5.02 35.85
N GLY A 87 4.89 5.53 34.81
CA GLY A 87 4.34 6.87 34.87
C GLY A 87 3.11 7.00 35.74
N ILE A 88 2.29 5.96 35.81
CA ILE A 88 1.07 6.04 36.62
C ILE A 88 1.39 5.90 38.10
N PHE A 89 2.11 4.85 38.47
CA PHE A 89 2.29 4.47 39.87
C PHE A 89 3.57 5.03 40.49
N SER A 90 4.70 4.90 39.80
CA SER A 90 6.00 5.09 40.43
C SER A 90 6.31 6.57 40.67
N MET A 91 6.10 7.43 39.67
CA MET A 91 6.48 8.84 39.76
C MET A 91 5.70 9.57 40.85
N ASN A 92 4.38 9.37 40.88
CA ASN A 92 3.53 10.09 41.81
C ASN A 92 3.80 9.66 43.25
N LEU A 93 3.96 8.35 43.47
CA LEU A 93 4.26 7.86 44.81
C LEU A 93 5.65 8.28 45.26
N TYR A 94 6.60 8.34 44.31
CA TYR A 94 7.95 8.80 44.63
C TYR A 94 7.91 10.25 45.07
N THR A 95 7.32 11.11 44.24
CA THR A 95 7.21 12.53 44.53
C THR A 95 6.56 12.76 45.90
N THR A 96 5.37 12.16 46.13
CA THR A 96 4.74 12.25 47.45
C THR A 96 5.66 11.80 48.60
N TYR A 97 6.51 10.79 48.35
CA TYR A 97 7.49 10.36 49.35
C TYR A 97 8.55 11.44 49.61
N ILE A 98 8.98 12.11 48.56
CA ILE A 98 9.97 13.18 48.70
C ILE A 98 9.35 14.39 49.39
N LEU A 99 8.13 14.75 48.98
CA LEU A 99 7.49 15.98 49.46
C LEU A 99 7.05 15.83 50.92
N MET A 100 6.48 14.69 51.28
CA MET A 100 6.09 14.48 52.66
C MET A 100 7.28 14.22 53.56
N GLY A 101 8.41 13.79 53.00
CA GLY A 101 9.57 13.46 53.78
C GLY A 101 9.56 12.08 54.40
N ARG A 102 8.49 11.32 54.19
CA ARG A 102 8.34 9.99 54.75
C ARG A 102 7.35 9.20 53.90
N TRP A 103 7.37 7.89 54.08
CA TRP A 103 6.45 7.04 53.32
C TRP A 103 5.04 7.10 53.90
N ALA A 104 4.88 6.69 55.16
CA ALA A 104 3.63 6.77 55.93
C ALA A 104 2.48 6.03 55.26
N LEU A 105 2.79 4.89 54.63
CA LEU A 105 1.77 4.05 54.01
C LEU A 105 1.93 2.58 54.37
N GLY A 106 2.78 2.25 55.32
CA GLY A 106 2.98 0.86 55.71
C GLY A 106 4.19 0.25 55.04
N SER A 107 4.76 -0.78 55.70
CA SER A 107 5.94 -1.43 55.15
C SER A 107 5.59 -2.31 53.96
N LEU A 108 4.41 -2.94 53.99
CA LEU A 108 3.99 -3.82 52.90
C LEU A 108 3.76 -3.03 51.61
N ALA A 109 3.13 -1.84 51.72
CA ALA A 109 2.93 -1.00 50.56
C ALA A 109 4.25 -0.47 50.02
N CYS A 110 5.20 -0.17 50.92
CA CYS A 110 6.54 0.23 50.51
C CYS A 110 7.25 -0.87 49.74
N ASP A 111 7.18 -2.10 50.22
CA ASP A 111 7.83 -3.21 49.55
C ASP A 111 7.19 -3.52 48.20
N LEU A 112 5.85 -3.46 48.14
CA LEU A 112 5.15 -3.71 46.88
C LEU A 112 5.42 -2.61 45.86
N TRP A 113 5.47 -1.35 46.30
CA TRP A 113 5.77 -0.25 45.39
C TRP A 113 7.20 -0.33 44.87
N LEU A 114 8.14 -0.67 45.75
CA LEU A 114 9.53 -0.81 45.33
C LEU A 114 9.70 -1.97 44.35
N ALA A 115 9.03 -3.09 44.61
CA ALA A 115 9.10 -4.24 43.72
C ALA A 115 8.51 -3.92 42.36
N LEU A 116 7.34 -3.26 42.34
CA LEU A 116 6.70 -2.89 41.08
C LEU A 116 7.53 -1.88 40.30
N ASP A 117 8.11 -0.91 41.00
CA ASP A 117 8.92 0.13 40.37
C ASP A 117 10.17 -0.46 39.74
N TYR A 118 10.89 -1.30 40.49
CA TYR A 118 12.13 -1.87 39.99
C TYR A 118 11.89 -2.90 38.90
N VAL A 119 10.81 -3.69 39.02
CA VAL A 119 10.46 -4.63 37.96
C VAL A 119 10.06 -3.90 36.68
N ALA A 120 9.30 -2.81 36.80
CA ALA A 120 8.88 -2.06 35.62
C ALA A 120 10.06 -1.34 34.97
N SER A 121 10.97 -0.77 35.77
CA SER A 121 12.13 -0.07 35.23
C SER A 121 13.05 -1.06 34.50
N ASN A 122 13.30 -2.22 35.12
CA ASN A 122 14.15 -3.20 34.47
C ASN A 122 13.47 -3.80 33.25
N ALA A 123 12.14 -3.94 33.27
CA ALA A 123 11.42 -4.38 32.09
C ALA A 123 11.54 -3.38 30.96
N SER A 124 11.54 -2.08 31.28
CA SER A 124 11.76 -1.04 30.28
C SER A 124 13.16 -1.13 29.65
N VAL A 125 14.17 -1.29 30.50
CA VAL A 125 15.55 -1.41 29.99
C VAL A 125 15.73 -2.72 29.20
N MET A 126 15.14 -3.82 29.66
CA MET A 126 15.17 -5.09 28.92
C MET A 126 14.47 -4.95 27.58
N ASN A 127 13.38 -4.18 27.54
CA ASN A 127 12.68 -3.91 26.29
C ASN A 127 13.55 -3.09 25.34
N LEU A 128 14.31 -2.13 25.88
CA LEU A 128 15.25 -1.38 25.05
C LEU A 128 16.33 -2.27 24.49
N LEU A 129 16.82 -3.22 25.30
CA LEU A 129 17.84 -4.17 24.84
C LEU A 129 17.29 -5.06 23.75
N VAL A 130 16.04 -5.51 23.90
CA VAL A 130 15.41 -6.38 22.90
C VAL A 130 15.14 -5.62 21.61
N ILE A 131 14.74 -4.35 21.71
CA ILE A 131 14.55 -3.51 20.52
C ILE A 131 15.88 -3.28 19.81
N SER A 132 16.96 -3.07 20.57
CA SER A 132 18.28 -2.91 19.98
C SER A 132 18.74 -4.17 19.27
N PHE A 133 18.47 -5.34 19.86
CA PHE A 133 18.78 -6.61 19.21
C PHE A 133 17.96 -6.80 17.93
N ASP A 134 16.68 -6.41 17.96
CA ASP A 134 15.83 -6.52 16.79
C ASP A 134 16.32 -5.62 15.66
N ARG A 135 16.70 -4.38 15.98
CA ARG A 135 17.25 -3.47 14.99
C ARG A 135 18.57 -3.98 14.44
N TYR A 136 19.44 -4.52 15.30
CA TYR A 136 20.72 -5.05 14.85
C TYR A 136 20.55 -6.24 13.93
N PHE A 137 19.62 -7.14 14.24
CA PHE A 137 19.39 -8.30 13.41
C PHE A 137 18.70 -7.93 12.10
N SER A 138 17.82 -6.93 12.11
CA SER A 138 17.15 -6.52 10.89
C SER A 138 18.00 -5.60 10.03
N ILE A 139 19.10 -5.07 10.55
CA ILE A 139 20.02 -4.24 9.77
C ILE A 139 21.19 -5.05 9.23
N THR A 140 21.82 -5.86 10.08
CA THR A 140 22.97 -6.64 9.61
C THR A 140 22.55 -7.83 8.75
N ARG A 141 21.38 -8.40 9.01
CA ARG A 141 20.84 -9.49 8.21
C ARG A 141 19.42 -9.11 7.80
N PRO A 142 19.27 -8.22 6.81
CA PRO A 142 17.93 -7.71 6.49
C PRO A 142 17.03 -8.71 5.78
N LEU A 143 17.58 -9.77 5.20
CA LEU A 143 16.78 -10.76 4.48
C LEU A 143 16.62 -12.06 5.24
N THR A 144 17.65 -12.50 5.97
CA THR A 144 17.55 -13.74 6.74
C THR A 144 16.66 -13.56 7.95
N TYR A 145 16.69 -12.39 8.57
CA TYR A 145 15.93 -12.15 9.80
C TYR A 145 14.44 -12.04 9.53
N ARG A 146 14.03 -11.63 8.31
CA ARG A 146 12.62 -11.40 7.99
C ARG A 146 11.77 -12.65 8.16
N ALA A 147 12.38 -13.83 8.10
CA ALA A 147 11.68 -15.11 8.23
C ALA A 147 11.74 -15.62 9.65
N LYS A 148 12.40 -14.88 10.54
CA LYS A 148 12.58 -15.23 11.93
C LYS A 148 12.01 -14.13 12.82
N ARG A 149 11.40 -13.13 12.21
CA ARG A 149 10.66 -12.06 12.89
C ARG A 149 9.19 -12.45 12.98
N THR A 150 8.93 -13.65 13.50
CA THR A 150 7.59 -14.17 13.62
C THR A 150 6.94 -13.57 14.87
N PRO A 151 5.62 -13.66 15.05
CA PRO A 151 5.03 -13.16 16.31
C PRO A 151 5.36 -14.01 17.52
N LYS A 152 5.79 -15.26 17.31
CA LYS A 152 6.11 -16.14 18.42
C LYS A 152 7.48 -15.81 18.99
N ARG A 153 8.43 -15.42 18.12
CA ARG A 153 9.74 -14.99 18.61
C ARG A 153 9.64 -13.66 19.36
N ALA A 154 8.81 -12.73 18.84
CA ALA A 154 8.61 -11.47 19.53
C ALA A 154 7.93 -11.66 20.87
N GLY A 155 6.92 -12.55 20.92
CA GLY A 155 6.26 -12.83 22.17
C GLY A 155 7.16 -13.51 23.18
N ILE A 156 8.01 -14.43 22.74
CA ILE A 156 8.88 -15.12 23.68
C ILE A 156 10.03 -14.21 24.12
N MET A 157 10.44 -13.25 23.28
CA MET A 157 11.46 -12.29 23.73
C MET A 157 10.89 -11.30 24.74
N ILE A 158 9.65 -10.84 24.52
CA ILE A 158 9.00 -9.95 25.49
C ILE A 158 8.76 -10.68 26.81
N GLY A 159 8.29 -11.93 26.74
CA GLY A 159 8.08 -12.70 27.95
C GLY A 159 9.37 -13.02 28.68
N LEU A 160 10.45 -13.28 27.94
CA LEU A 160 11.76 -13.50 28.56
C LEU A 160 12.28 -12.24 29.22
N ALA A 161 12.06 -11.07 28.60
CA ALA A 161 12.50 -9.81 29.19
C ALA A 161 11.76 -9.53 30.50
N TRP A 162 10.43 -9.67 30.49
CA TRP A 162 9.65 -9.42 31.70
C TRP A 162 9.94 -10.45 32.78
N LEU A 163 10.16 -11.71 32.39
CA LEU A 163 10.46 -12.76 33.36
C LEU A 163 11.84 -12.56 33.98
N ILE A 164 12.83 -12.15 33.18
CA ILE A 164 14.16 -11.85 33.70
C ILE A 164 14.10 -10.69 34.68
N SER A 165 13.32 -9.65 34.34
CA SER A 165 13.18 -8.50 35.24
C SER A 165 12.49 -8.90 36.55
N PHE A 166 11.42 -9.69 36.47
CA PHE A 166 10.68 -10.11 37.65
C PHE A 166 11.53 -10.99 38.55
N ILE A 167 12.23 -11.97 37.96
CA ILE A 167 13.09 -12.86 38.73
C ILE A 167 14.26 -12.10 39.34
N LEU A 168 14.78 -11.10 38.62
CA LEU A 168 15.93 -10.35 39.10
C LEU A 168 15.57 -9.44 40.27
N TRP A 169 14.38 -8.85 40.27
CA TRP A 169 14.10 -7.86 41.29
C TRP A 169 13.05 -8.25 42.33
N ALA A 170 11.95 -8.92 41.94
CA ALA A 170 10.84 -9.13 42.87
C ALA A 170 11.15 -10.05 44.06
N PRO A 171 11.80 -11.22 43.92
CA PRO A 171 12.12 -11.98 45.15
C PRO A 171 13.27 -11.37 45.94
N ALA A 172 14.11 -10.55 45.31
CA ALA A 172 15.20 -9.92 46.03
C ALA A 172 14.70 -8.79 46.93
N ILE A 173 13.68 -8.06 46.48
CA ILE A 173 13.17 -6.93 47.25
C ILE A 173 12.20 -7.40 48.33
N LEU A 174 11.23 -8.23 47.95
CA LEU A 174 10.15 -8.60 48.86
C LEU A 174 10.57 -9.60 49.93
N CYS A 175 11.70 -10.30 49.75
CA CYS A 175 12.06 -11.39 50.65
C CYS A 175 13.46 -11.24 51.23
N TRP A 176 14.05 -10.04 51.17
CA TRP A 176 15.36 -9.85 51.78
C TRP A 176 15.26 -9.72 53.28
N GLN A 177 14.18 -9.13 53.81
CA GLN A 177 14.00 -9.02 55.25
C GLN A 177 13.74 -10.37 55.91
N TYR A 178 13.19 -11.34 55.17
CA TYR A 178 13.02 -12.68 55.70
C TYR A 178 14.28 -13.53 55.55
N LEU A 179 15.11 -13.23 54.55
CA LEU A 179 16.38 -13.93 54.41
C LEU A 179 17.38 -13.47 55.46
N VAL A 180 17.48 -12.15 55.66
CA VAL A 180 18.32 -11.61 56.72
C VAL A 180 17.74 -11.96 58.09
N GLY A 181 16.44 -11.74 58.27
CA GLY A 181 15.77 -11.98 59.53
C GLY A 181 15.29 -10.72 60.22
N LYS A 182 15.84 -9.57 59.84
CA LYS A 182 15.52 -8.28 60.43
C LYS A 182 15.25 -7.28 59.32
N ARG A 183 14.37 -6.32 59.60
CA ARG A 183 14.07 -5.24 58.66
C ARG A 183 14.86 -4.02 59.13
N THR A 184 16.01 -3.79 58.48
CA THR A 184 16.87 -2.66 58.86
C THR A 184 16.39 -1.34 58.27
N VAL A 185 15.47 -1.37 57.32
CA VAL A 185 14.90 -0.13 56.78
C VAL A 185 13.97 0.47 57.82
N PRO A 186 14.11 1.76 58.15
CA PRO A 186 13.18 2.38 59.10
C PRO A 186 11.78 2.47 58.53
N LEU A 187 10.80 2.53 59.44
CA LEU A 187 9.40 2.44 59.05
C LEU A 187 8.93 3.69 58.32
N ASP A 188 9.50 4.85 58.64
CA ASP A 188 9.03 6.09 58.03
C ASP A 188 9.51 6.22 56.58
N GLU A 189 10.68 5.66 56.25
CA GLU A 189 11.22 5.78 54.91
C GLU A 189 11.01 4.50 54.10
N CYS A 190 11.15 4.64 52.79
CA CYS A 190 10.97 3.56 51.84
C CYS A 190 12.24 3.44 51.01
N GLN A 191 12.95 2.33 51.19
CA GLN A 191 14.17 2.07 50.43
C GLN A 191 14.42 0.57 50.37
N ILE A 192 14.96 0.12 49.24
CA ILE A 192 15.40 -1.26 49.08
C ILE A 192 16.40 -1.62 50.18
N GLN A 193 16.25 -2.79 50.78
CA GLN A 193 17.09 -3.10 51.92
C GLN A 193 18.45 -3.64 51.50
N PHE A 194 18.57 -4.26 50.32
CA PHE A 194 19.85 -4.87 50.00
C PHE A 194 20.85 -3.88 49.42
N LEU A 195 20.47 -2.60 49.26
CA LEU A 195 21.36 -1.60 48.66
C LEU A 195 22.60 -1.32 49.50
N SER A 196 22.66 -1.82 50.74
CA SER A 196 23.81 -1.68 51.61
C SER A 196 24.79 -2.83 51.40
N GLU A 197 24.30 -3.99 51.02
CA GLU A 197 25.13 -5.16 50.80
C GLU A 197 25.85 -5.01 49.46
N PRO A 198 27.19 -4.91 49.45
CA PRO A 198 27.94 -4.63 48.21
C PRO A 198 27.71 -5.60 47.04
N THR A 199 27.74 -6.91 47.34
CA THR A 199 27.67 -7.95 46.31
C THR A 199 26.39 -7.87 45.50
N ILE A 200 25.24 -8.03 46.17
CA ILE A 200 23.94 -8.04 45.50
C ILE A 200 23.71 -6.73 44.76
N THR A 201 24.27 -5.62 45.26
CA THR A 201 24.08 -4.32 44.64
C THR A 201 24.82 -4.27 43.32
N PHE A 202 26.11 -4.65 43.32
CA PHE A 202 26.86 -4.67 42.06
C PHE A 202 26.29 -5.70 41.10
N GLY A 203 25.88 -6.88 41.62
CA GLY A 203 25.33 -7.92 40.77
C GLY A 203 24.07 -7.47 40.07
N THR A 204 23.15 -6.87 40.83
CA THR A 204 21.88 -6.41 40.31
C THR A 204 22.00 -5.11 39.54
N ALA A 205 23.19 -4.50 39.53
CA ALA A 205 23.43 -3.34 38.67
C ALA A 205 24.11 -3.73 37.37
N ILE A 206 25.03 -4.70 37.42
CA ILE A 206 25.67 -5.21 36.21
C ILE A 206 24.73 -6.13 35.44
N ALA A 207 23.73 -6.71 36.09
CA ALA A 207 22.72 -7.47 35.39
C ALA A 207 21.54 -6.62 34.96
N ALA A 208 21.55 -5.33 35.26
CA ALA A 208 20.41 -4.51 34.91
C ALA A 208 20.81 -3.28 34.10
N PHE A 209 22.04 -2.81 34.27
CA PHE A 209 22.35 -1.58 33.54
C PHE A 209 23.65 -1.65 32.76
N TYR A 210 24.73 -2.17 33.33
CA TYR A 210 26.05 -2.04 32.70
C TYR A 210 26.17 -2.96 31.50
N ILE A 211 25.78 -4.23 31.65
CA ILE A 211 25.75 -5.16 30.53
C ILE A 211 24.70 -4.72 29.49
N PRO A 212 23.46 -4.30 29.84
CA PRO A 212 22.57 -3.77 28.78
C PRO A 212 23.07 -2.50 28.09
N VAL A 213 23.69 -1.55 28.81
CA VAL A 213 24.16 -0.35 28.11
C VAL A 213 25.38 -0.67 27.26
N SER A 214 26.21 -1.64 27.69
CA SER A 214 27.36 -2.05 26.88
C SER A 214 26.91 -2.75 25.62
N VAL A 215 25.95 -3.67 25.73
CA VAL A 215 25.45 -4.39 24.56
C VAL A 215 24.73 -3.43 23.61
N MET A 216 23.95 -2.49 24.16
CA MET A 216 23.26 -1.52 23.33
C MET A 216 24.23 -0.60 22.60
N THR A 217 25.29 -0.16 23.28
CA THR A 217 26.31 0.68 22.65
C THR A 217 27.05 -0.07 21.54
N ILE A 218 27.39 -1.34 21.78
CA ILE A 218 28.09 -2.14 20.78
C ILE A 218 27.20 -2.38 19.56
N LEU A 219 25.93 -2.72 19.79
CA LEU A 219 25.01 -2.99 18.69
C LEU A 219 24.72 -1.73 17.88
N TYR A 220 24.57 -0.58 18.54
CA TYR A 220 24.28 0.64 17.80
C TYR A 220 25.52 1.16 17.06
N CYS A 221 26.72 0.91 17.60
CA CYS A 221 27.93 1.24 16.86
C CYS A 221 28.09 0.36 15.62
N ARG A 222 27.74 -0.92 15.73
CA ARG A 222 27.75 -1.80 14.56
C ARG A 222 26.71 -1.39 13.55
N ILE A 223 25.56 -0.88 14.01
CA ILE A 223 24.53 -0.35 13.12
C ILE A 223 25.05 0.86 12.34
N TYR A 224 25.78 1.75 13.03
CA TYR A 224 26.38 2.92 12.37
C TYR A 224 27.40 2.50 11.32
N ARG A 225 28.20 1.47 11.64
CA ARG A 225 29.17 0.94 10.68
C ARG A 225 28.48 0.38 9.44
N GLU A 226 27.34 -0.31 9.64
CA GLU A 226 26.58 -0.84 8.50
C GLU A 226 25.99 0.27 7.64
N THR A 227 25.56 1.38 8.23
CA THR A 227 24.97 2.44 7.42
C THR A 227 26.05 3.14 6.58
N GLU A 228 27.17 3.49 7.22
CA GLU A 228 28.29 4.08 6.48
C GLU A 228 28.76 3.16 5.36
N LYS A 229 28.88 1.85 5.68
CA LYS A 229 29.29 0.84 4.72
C LYS A 229 28.35 0.75 3.51
N ARG A 230 27.02 0.69 3.74
CA ARG A 230 26.10 0.65 2.59
C ARG A 230 26.23 1.89 1.71
N THR A 231 26.41 3.07 2.32
CA THR A 231 26.49 4.29 1.51
C THR A 231 27.74 4.24 0.63
N LYS A 232 28.85 3.74 1.19
CA LYS A 232 30.09 3.65 0.42
C LYS A 232 29.97 2.59 -0.68
N ASP A 233 29.35 1.44 -0.36
CA ASP A 233 29.22 0.36 -1.34
C ASP A 233 28.33 0.78 -2.49
N LEU A 234 27.22 1.46 -2.18
CA LEU A 234 26.36 2.02 -3.22
C LEU A 234 27.13 2.99 -4.10
N ALA A 235 27.98 3.84 -3.50
CA ALA A 235 28.74 4.76 -4.33
C ALA A 235 29.81 4.04 -5.15
N ASP A 236 30.23 2.86 -4.69
CA ASP A 236 31.16 2.04 -5.45
C ASP A 236 30.45 1.29 -6.57
N LEU A 237 29.13 1.15 -6.47
CA LEU A 237 28.32 0.56 -7.52
C LEU A 237 27.79 1.60 -8.49
N GLN A 238 27.47 2.79 -8.00
CA GLN A 238 26.99 3.90 -8.82
C GLN A 238 28.13 4.82 -9.27
N ARG A 260 25.12 13.12 8.60
CA ARG A 260 23.99 12.31 8.13
C ARG A 260 22.96 12.15 9.23
N LYS A 261 21.79 11.60 8.87
CA LYS A 261 20.71 11.42 9.83
C LYS A 261 21.03 10.36 10.87
N ALA A 262 21.93 9.43 10.56
CA ALA A 262 22.35 8.41 11.51
C ALA A 262 23.29 8.96 12.58
N ALA A 263 23.70 10.22 12.49
CA ALA A 263 24.49 10.85 13.53
C ALA A 263 23.64 11.49 14.61
N GLN A 264 22.44 11.97 14.29
CA GLN A 264 21.62 12.60 15.32
C GLN A 264 20.73 11.61 16.06
N THR A 265 19.95 10.79 15.33
CA THR A 265 18.99 9.90 15.97
C THR A 265 19.68 8.79 16.76
N LEU A 266 20.72 8.20 16.19
CA LEU A 266 21.38 7.06 16.80
C LEU A 266 22.21 7.49 18.01
N SER A 267 22.74 8.70 17.99
CA SER A 267 23.46 9.25 19.12
C SER A 267 22.58 10.05 20.07
N ALA A 268 21.29 10.22 19.76
CA ALA A 268 20.38 10.80 20.73
C ALA A 268 19.59 9.74 21.48
N ILE A 269 19.49 8.54 20.91
CA ILE A 269 18.93 7.41 21.66
C ILE A 269 19.88 7.00 22.78
N LEU A 270 21.15 6.79 22.44
CA LEU A 270 22.13 6.34 23.43
C LEU A 270 22.37 7.39 24.50
N LEU A 271 22.44 8.68 24.14
CA LEU A 271 22.65 9.69 25.16
C LEU A 271 21.40 9.93 25.99
N ALA A 272 20.19 9.78 25.42
CA ALA A 272 19.01 9.92 26.25
C ALA A 272 18.86 8.75 27.21
N PHE A 273 19.37 7.57 26.85
CA PHE A 273 19.42 6.48 27.82
C PHE A 273 20.50 6.72 28.88
N ILE A 274 21.70 7.11 28.43
CA ILE A 274 22.87 7.14 29.30
C ILE A 274 22.78 8.27 30.31
N ILE A 275 22.39 9.47 29.87
CA ILE A 275 22.32 10.64 30.75
C ILE A 275 21.28 10.43 31.84
N THR A 276 20.15 9.81 31.48
CA THR A 276 19.04 9.63 32.40
C THR A 276 19.13 8.37 33.24
N TRP A 277 20.04 7.43 32.93
CA TRP A 277 20.20 6.25 33.79
C TRP A 277 21.54 6.17 34.49
N THR A 278 22.53 6.97 34.08
CA THR A 278 23.86 6.88 34.69
C THR A 278 23.93 7.34 36.14
N PRO A 279 23.41 8.52 36.55
CA PRO A 279 23.70 8.98 37.93
C PRO A 279 23.14 8.11 39.04
N TYR A 280 22.01 7.42 38.82
CA TYR A 280 21.52 6.48 39.83
C TYR A 280 22.46 5.30 39.95
N ASN A 281 22.89 4.75 38.82
CA ASN A 281 23.74 3.58 38.84
C ASN A 281 25.16 3.93 39.23
N ILE A 282 25.50 5.22 39.29
CA ILE A 282 26.77 5.64 39.87
C ILE A 282 26.62 5.84 41.37
N MET A 283 25.54 6.51 41.80
CA MET A 283 25.33 6.79 43.22
C MET A 283 24.99 5.55 44.02
N VAL A 284 24.41 4.50 43.41
CA VAL A 284 24.14 3.29 44.17
C VAL A 284 25.47 2.58 44.46
N LEU A 285 26.37 2.55 43.48
CA LEU A 285 27.67 1.91 43.62
C LEU A 285 28.62 2.73 44.48
N VAL A 286 28.41 4.04 44.58
CA VAL A 286 29.22 4.84 45.50
C VAL A 286 28.61 4.80 46.92
N SER A 287 27.27 4.68 47.02
CA SER A 287 26.63 4.64 48.32
C SER A 287 26.78 3.30 49.00
N THR A 288 27.07 2.23 48.26
CA THR A 288 27.23 0.93 48.91
C THR A 288 28.52 0.84 49.71
N PHE A 289 29.45 1.79 49.51
CA PHE A 289 30.70 1.85 50.26
C PHE A 289 30.75 3.15 51.04
N CYS A 290 30.95 4.29 50.38
CA CYS A 290 30.84 5.56 51.07
C CYS A 290 29.39 5.76 51.47
N ASP A 291 29.06 5.60 52.76
CA ASP A 291 27.66 5.59 53.20
C ASP A 291 26.96 6.93 52.94
N LYS A 292 27.62 8.05 53.30
CA LYS A 292 27.00 9.36 53.23
C LYS A 292 27.70 10.31 52.26
N CYS A 293 28.43 9.78 51.27
CA CYS A 293 29.04 10.62 50.26
C CYS A 293 27.96 11.32 49.45
N VAL A 294 27.10 10.53 48.82
CA VAL A 294 26.03 10.97 47.93
C VAL A 294 25.11 11.91 48.70
N PRO A 295 24.92 13.15 48.25
CA PRO A 295 23.94 14.03 48.90
C PRO A 295 22.51 13.51 48.76
N VAL A 296 21.60 14.17 49.44
CA VAL A 296 20.22 13.68 49.48
C VAL A 296 19.44 14.18 48.28
N THR A 297 19.59 15.46 47.96
CA THR A 297 18.92 16.03 46.80
C THR A 297 19.48 15.48 45.50
N LEU A 298 20.80 15.24 45.44
CA LEU A 298 21.42 14.62 44.27
C LEU A 298 20.92 13.19 44.06
N TRP A 299 20.69 12.46 45.16
CA TRP A 299 20.16 11.11 45.09
C TRP A 299 18.74 11.13 44.53
N HIS A 300 17.88 11.97 45.13
CA HIS A 300 16.51 12.10 44.67
C HIS A 300 16.45 12.49 43.19
N LEU A 301 17.34 13.39 42.74
CA LEU A 301 17.38 13.78 41.33
C LEU A 301 17.76 12.62 40.43
N GLY A 302 18.68 11.76 40.88
CA GLY A 302 19.06 10.60 40.07
C GLY A 302 17.90 9.64 39.92
N TYR A 303 17.24 9.36 41.04
CA TYR A 303 16.08 8.46 41.10
C TYR A 303 15.02 8.97 40.14
N TRP A 304 14.74 10.27 40.19
CA TRP A 304 13.73 10.88 39.33
C TRP A 304 14.15 10.77 37.86
N LEU A 305 15.41 11.13 37.56
CA LEU A 305 15.95 11.09 36.18
C LEU A 305 15.68 9.73 35.52
N CYS A 306 15.74 8.65 36.33
CA CYS A 306 15.46 7.31 35.80
C CYS A 306 14.04 7.27 35.21
N TYR A 307 13.12 8.00 35.84
CA TYR A 307 11.74 8.07 35.36
C TYR A 307 11.69 8.95 34.11
N VAL A 308 12.52 10.00 34.10
CA VAL A 308 12.61 10.91 32.94
C VAL A 308 12.91 10.12 31.68
N ASN A 309 13.86 9.18 31.76
CA ASN A 309 14.09 8.24 30.64
C ASN A 309 12.81 7.55 30.15
N SER A 310 11.97 7.08 31.07
CA SER A 310 10.69 6.47 30.71
C SER A 310 9.73 7.46 30.07
N THR A 311 9.88 8.74 30.41
CA THR A 311 9.09 9.78 29.77
C THR A 311 9.56 9.96 28.33
N VAL A 312 10.87 10.02 28.12
CA VAL A 312 11.42 10.30 26.79
C VAL A 312 11.56 9.05 25.93
N ASN A 313 11.19 7.87 26.46
CA ASN A 313 11.24 6.64 25.66
C ASN A 313 10.35 6.65 24.41
N PRO A 314 9.06 7.09 24.44
CA PRO A 314 8.24 7.03 23.20
C PRO A 314 8.88 7.78 22.03
N ILE A 315 9.26 9.05 22.26
CA ILE A 315 9.86 9.95 21.28
C ILE A 315 11.06 9.33 20.55
N CYS A 316 11.81 8.45 21.21
CA CYS A 316 13.02 7.93 20.61
C CYS A 316 12.81 6.64 19.84
N TYR A 317 11.72 5.94 20.08
CA TYR A 317 11.45 4.65 19.46
C TYR A 317 10.18 4.66 18.63
N ALA A 318 9.07 5.07 19.23
CA ALA A 318 7.78 5.05 18.56
C ALA A 318 7.72 6.16 17.51
N LEU A 319 7.90 7.42 17.94
CA LEU A 319 7.81 8.60 17.08
C LEU A 319 8.79 8.60 15.90
N CYS A 320 9.83 7.75 15.90
CA CYS A 320 10.78 7.72 14.79
C CYS A 320 10.12 7.18 13.52
N ASN A 321 9.12 6.33 13.69
CA ASN A 321 8.42 5.66 12.61
C ASN A 321 7.37 6.63 12.10
N ARG A 322 7.43 6.98 10.80
CA ARG A 322 6.53 7.99 10.22
C ARG A 322 5.06 7.65 10.46
N THR A 323 4.70 6.36 10.38
CA THR A 323 3.32 5.94 10.56
C THR A 323 2.79 6.28 11.96
N PHE A 324 3.70 6.37 12.94
CA PHE A 324 3.31 6.79 14.28
C PHE A 324 3.15 8.30 14.32
N ARG A 325 4.04 9.03 13.65
CA ARG A 325 3.95 10.49 13.65
C ARG A 325 2.65 10.94 13.00
N LYS A 326 2.28 10.28 11.89
CA LYS A 326 1.02 10.57 11.22
C LYS A 326 -0.18 10.19 12.10
N THR A 327 -0.10 9.05 12.79
CA THR A 327 -1.19 8.66 13.67
C THR A 327 -1.30 9.59 14.88
N PHE A 328 -0.17 10.10 15.38
CA PHE A 328 -0.19 11.05 16.50
C PHE A 328 -0.74 12.40 16.10
N LYS A 329 -0.39 12.87 14.89
CA LYS A 329 -0.97 14.11 14.37
C LYS A 329 -2.46 13.95 14.13
N MET A 330 -2.90 12.74 13.81
CA MET A 330 -4.33 12.45 13.73
C MET A 330 -4.97 12.44 15.12
N LEU A 331 -4.33 11.77 16.08
CA LEU A 331 -4.94 11.50 17.38
C LEU A 331 -5.07 12.76 18.23
N LEU A 332 -4.02 13.59 18.30
CA LEU A 332 -4.01 14.80 19.15
C LEU A 332 -5.22 15.70 18.89
N LEU A 333 -5.35 16.18 17.65
CA LEU A 333 -6.43 17.11 17.29
C LEU A 333 -7.83 16.55 17.57
N CYS A 334 -7.99 15.22 17.49
CA CYS A 334 -9.19 14.38 17.72
C CYS A 334 -10.02 14.33 16.45
N SER B 12 -3.29 6.25 -52.67
CA SER B 12 -4.35 6.52 -53.64
C SER B 12 -5.71 6.12 -53.10
N GLU B 13 -5.97 4.81 -53.08
CA GLU B 13 -7.24 4.31 -52.55
C GLU B 13 -7.29 4.44 -51.03
N LEU B 14 -6.16 4.22 -50.36
CA LEU B 14 -6.12 4.36 -48.91
C LEU B 14 -6.21 5.82 -48.47
N ASP B 15 -5.62 6.73 -49.26
CA ASP B 15 -5.72 8.16 -48.95
C ASP B 15 -7.13 8.68 -49.20
N GLN B 16 -7.81 8.16 -50.23
CA GLN B 16 -9.18 8.57 -50.50
C GLN B 16 -10.14 8.08 -49.42
N LEU B 17 -9.91 6.87 -48.90
CA LEU B 17 -10.73 6.36 -47.82
C LEU B 17 -10.47 7.08 -46.51
N ARG B 18 -9.22 7.53 -46.29
CA ARG B 18 -8.92 8.31 -45.10
C ARG B 18 -9.52 9.70 -45.17
N GLN B 19 -9.54 10.30 -46.37
CA GLN B 19 -10.18 11.60 -46.55
C GLN B 19 -11.70 11.49 -46.45
N GLU B 20 -12.27 10.37 -46.90
CA GLU B 20 -13.71 10.15 -46.75
C GLU B 20 -14.08 9.93 -45.29
N ALA B 21 -13.21 9.25 -44.53
CA ALA B 21 -13.46 9.05 -43.11
C ALA B 21 -13.32 10.35 -42.32
N GLU B 22 -12.42 11.25 -42.76
CA GLU B 22 -12.30 12.54 -42.11
C GLU B 22 -13.51 13.42 -42.41
N GLN B 23 -14.08 13.30 -43.61
CA GLN B 23 -15.30 14.02 -43.93
C GLN B 23 -16.50 13.44 -43.19
N LEU B 24 -16.51 12.12 -42.99
CA LEU B 24 -17.57 11.49 -42.21
C LEU B 24 -17.44 11.85 -40.74
N LYS B 25 -16.22 11.99 -40.24
CA LYS B 25 -16.01 12.42 -38.85
C LYS B 25 -16.40 13.89 -38.66
N ASN B 26 -16.22 14.70 -39.70
CA ASN B 26 -16.65 16.10 -39.62
C ASN B 26 -18.17 16.21 -39.66
N GLN B 27 -18.83 15.28 -40.34
CA GLN B 27 -20.30 15.28 -40.36
C GLN B 27 -20.88 14.87 -39.02
N ILE B 28 -20.17 14.02 -38.28
CA ILE B 28 -20.62 13.64 -36.94
C ILE B 28 -20.54 14.82 -35.98
N ARG B 29 -19.43 15.58 -36.05
CA ARG B 29 -19.26 16.74 -35.19
C ARG B 29 -20.24 17.85 -35.54
N ASP B 30 -20.51 18.03 -36.83
CA ASP B 30 -21.48 19.04 -37.25
C ASP B 30 -22.91 18.67 -36.87
N ALA B 31 -23.24 17.37 -36.92
CA ALA B 31 -24.57 16.95 -36.50
C ALA B 31 -24.74 17.05 -34.99
N ARG B 32 -23.66 16.79 -34.24
CA ARG B 32 -23.73 16.92 -32.78
C ARG B 32 -23.81 18.38 -32.35
N LYS B 33 -23.14 19.27 -33.07
CA LYS B 33 -23.24 20.70 -32.75
C LYS B 33 -24.61 21.25 -33.09
N ALA B 34 -25.22 20.75 -34.17
CA ALA B 34 -26.58 21.17 -34.51
C ALA B 34 -27.60 20.58 -33.55
N CYS B 35 -27.33 19.39 -33.00
CA CYS B 35 -28.23 18.78 -32.04
C CYS B 35 -28.19 19.47 -30.69
N ALA B 36 -27.10 20.17 -30.37
CA ALA B 36 -26.97 20.87 -29.10
C ALA B 36 -27.81 22.14 -29.13
N ASP B 37 -28.70 22.28 -28.15
CA ASP B 37 -29.54 23.45 -28.04
C ASP B 37 -29.46 24.05 -26.64
N ALA B 38 -29.21 23.19 -25.65
CA ALA B 38 -29.12 23.61 -24.26
C ALA B 38 -28.25 22.63 -23.50
N THR B 39 -27.79 23.05 -22.33
CA THR B 39 -26.98 22.20 -21.47
C THR B 39 -27.85 21.61 -20.37
N LEU B 40 -27.28 20.62 -19.66
CA LEU B 40 -27.99 19.98 -18.57
C LEU B 40 -28.13 20.91 -17.37
N SER B 41 -27.16 21.81 -17.16
CA SER B 41 -27.23 22.76 -16.06
C SER B 41 -28.33 23.78 -16.24
N GLN B 42 -28.64 24.14 -17.50
CA GLN B 42 -29.73 25.10 -17.74
C GLN B 42 -31.08 24.47 -17.52
N ILE B 43 -31.23 23.19 -17.87
CA ILE B 43 -32.49 22.47 -17.64
C ILE B 43 -32.68 22.22 -16.15
N THR B 44 -31.62 21.77 -15.46
CA THR B 44 -31.69 21.43 -14.05
C THR B 44 -31.27 22.59 -13.14
N ASN B 45 -31.45 23.83 -13.59
CA ASN B 45 -31.14 24.98 -12.74
C ASN B 45 -32.18 25.14 -11.64
N ASN B 46 -33.45 24.85 -11.95
CA ASN B 46 -34.52 24.98 -10.97
C ASN B 46 -34.63 23.79 -10.03
N ILE B 47 -33.91 22.71 -10.31
CA ILE B 47 -33.95 21.51 -9.46
C ILE B 47 -33.15 21.79 -8.20
N ASP B 48 -33.75 21.48 -7.05
CA ASP B 48 -33.08 21.71 -5.77
C ASP B 48 -31.91 20.73 -5.60
N PRO B 49 -30.82 21.16 -4.97
CA PRO B 49 -29.68 20.25 -4.78
C PRO B 49 -29.97 19.21 -3.71
N VAL B 50 -29.13 18.18 -3.69
CA VAL B 50 -29.29 17.07 -2.75
C VAL B 50 -28.83 17.40 -1.34
N GLY B 51 -28.16 18.53 -1.15
CA GLY B 51 -27.65 18.89 0.15
C GLY B 51 -26.38 18.14 0.49
N ARG B 52 -25.94 18.32 1.74
CA ARG B 52 -24.74 17.65 2.21
C ARG B 52 -25.02 16.18 2.47
N ILE B 53 -24.13 15.32 1.98
CA ILE B 53 -24.24 13.88 2.17
C ILE B 53 -23.41 13.50 3.38
N GLN B 54 -24.06 12.85 4.35
CA GLN B 54 -23.41 12.46 5.61
C GLN B 54 -23.20 10.95 5.65
N MET B 55 -22.80 10.37 4.51
CA MET B 55 -22.58 8.94 4.41
C MET B 55 -21.35 8.53 5.21
N ARG B 56 -21.49 7.49 6.03
CA ARG B 56 -20.43 7.04 6.92
C ARG B 56 -20.27 5.53 6.82
N THR B 57 -19.11 5.05 7.27
CA THR B 57 -18.78 3.64 7.17
C THR B 57 -19.60 2.82 8.16
N ARG B 58 -20.31 1.82 7.64
CA ARG B 58 -21.07 0.91 8.49
C ARG B 58 -20.27 -0.35 8.81
N ARG B 59 -19.75 -1.04 7.80
CA ARG B 59 -18.94 -2.22 7.98
C ARG B 59 -17.57 -2.01 7.36
N THR B 60 -16.57 -2.65 7.95
CA THR B 60 -15.21 -2.66 7.42
C THR B 60 -14.76 -4.11 7.31
N LEU B 61 -14.37 -4.52 6.10
CA LEU B 61 -14.00 -5.90 5.82
C LEU B 61 -12.47 -6.01 5.82
N ARG B 62 -11.91 -6.63 6.86
CA ARG B 62 -10.48 -6.62 7.12
C ARG B 62 -9.85 -8.00 6.95
N GLY B 63 -10.21 -8.73 5.90
CA GLY B 63 -9.70 -10.07 5.73
C GLY B 63 -8.68 -10.24 4.62
N HIS B 64 -8.49 -9.21 3.80
CA HIS B 64 -7.53 -9.28 2.72
C HIS B 64 -6.12 -9.04 3.26
N LEU B 65 -5.13 -9.16 2.37
CA LEU B 65 -3.74 -8.98 2.76
C LEU B 65 -2.92 -8.21 1.74
N ALA B 66 -3.52 -7.71 0.66
CA ALA B 66 -2.79 -6.97 -0.36
C ALA B 66 -3.72 -5.90 -0.92
N LYS B 67 -3.31 -5.31 -2.04
CA LYS B 67 -4.12 -4.28 -2.69
C LYS B 67 -5.33 -4.91 -3.34
N ILE B 68 -6.50 -4.36 -3.07
CA ILE B 68 -7.77 -4.88 -3.58
C ILE B 68 -8.12 -4.11 -4.85
N TYR B 69 -8.30 -4.82 -5.95
CA TYR B 69 -8.45 -4.17 -7.24
C TYR B 69 -9.89 -4.14 -7.75
N ALA B 70 -10.72 -5.12 -7.37
CA ALA B 70 -12.08 -5.16 -7.89
C ALA B 70 -13.01 -5.78 -6.88
N MET B 71 -14.30 -5.44 -7.01
CA MET B 71 -15.35 -6.08 -6.25
C MET B 71 -16.62 -6.04 -7.07
N HIS B 72 -17.55 -6.93 -6.74
CA HIS B 72 -18.85 -6.94 -7.42
C HIS B 72 -19.90 -7.44 -6.45
N TRP B 73 -21.04 -6.75 -6.44
CA TRP B 73 -22.17 -7.15 -5.62
C TRP B 73 -22.93 -8.29 -6.29
N GLY B 74 -23.75 -8.97 -5.49
CA GLY B 74 -24.65 -9.98 -6.00
C GLY B 74 -25.96 -9.39 -6.47
N THR B 75 -26.93 -10.27 -6.74
CA THR B 75 -28.29 -9.84 -7.03
C THR B 75 -28.92 -9.19 -5.80
N ASP B 76 -28.81 -9.86 -4.66
CA ASP B 76 -29.22 -9.28 -3.39
C ASP B 76 -28.13 -8.34 -2.87
N SER B 77 -28.42 -7.66 -1.77
CA SER B 77 -27.46 -6.77 -1.14
C SER B 77 -26.67 -7.45 -0.03
N ARG B 78 -26.64 -8.78 -0.01
CA ARG B 78 -25.94 -9.53 1.02
C ARG B 78 -24.52 -9.91 0.60
N LEU B 79 -24.39 -10.66 -0.50
CA LEU B 79 -23.13 -11.26 -0.89
C LEU B 79 -22.41 -10.39 -1.89
N LEU B 80 -21.14 -10.12 -1.61
CA LEU B 80 -20.26 -9.41 -2.55
C LEU B 80 -18.97 -10.19 -2.69
N VAL B 81 -18.46 -10.26 -3.91
CA VAL B 81 -17.17 -10.86 -4.18
C VAL B 81 -16.12 -9.76 -4.15
N SER B 82 -14.88 -10.13 -3.83
CA SER B 82 -13.79 -9.17 -3.79
C SER B 82 -12.52 -9.86 -4.25
N ALA B 83 -11.70 -9.14 -5.02
CA ALA B 83 -10.47 -9.67 -5.58
C ALA B 83 -9.31 -8.78 -5.18
N SER B 84 -8.23 -9.38 -4.70
CA SER B 84 -7.04 -8.64 -4.30
C SER B 84 -5.82 -9.25 -4.97
N GLN B 85 -4.65 -8.72 -4.63
CA GLN B 85 -3.39 -9.14 -5.21
C GLN B 85 -2.72 -10.27 -4.44
N ASP B 86 -3.36 -10.78 -3.40
CA ASP B 86 -2.82 -11.91 -2.64
C ASP B 86 -3.27 -13.26 -3.20
N GLY B 87 -3.93 -13.27 -4.36
CA GLY B 87 -4.40 -14.50 -4.93
C GLY B 87 -5.64 -15.07 -4.28
N LYS B 88 -6.41 -14.25 -3.58
CA LYS B 88 -7.59 -14.70 -2.86
C LYS B 88 -8.82 -13.98 -3.42
N LEU B 89 -9.87 -14.76 -3.70
CA LEU B 89 -11.16 -14.25 -4.18
C LEU B 89 -12.16 -14.53 -3.06
N ILE B 90 -12.29 -13.58 -2.14
CA ILE B 90 -13.10 -13.76 -0.95
C ILE B 90 -14.53 -13.29 -1.25
N ILE B 91 -15.49 -14.17 -0.99
CA ILE B 91 -16.91 -13.84 -1.08
C ILE B 91 -17.39 -13.50 0.32
N TRP B 92 -17.84 -12.27 0.50
CA TRP B 92 -18.22 -11.77 1.82
C TRP B 92 -19.73 -11.84 2.01
N ASP B 93 -20.14 -11.84 3.27
CA ASP B 93 -21.52 -11.61 3.66
C ASP B 93 -21.55 -10.24 4.33
N SER B 94 -22.03 -9.23 3.59
CA SER B 94 -21.93 -7.85 4.04
C SER B 94 -22.82 -7.53 5.24
N TYR B 95 -23.85 -8.35 5.49
CA TYR B 95 -24.73 -8.10 6.63
C TYR B 95 -24.02 -8.42 7.94
N THR B 96 -23.24 -9.49 7.97
CA THR B 96 -22.60 -9.98 9.18
C THR B 96 -21.09 -9.87 9.17
N THR B 97 -20.50 -9.29 8.10
CA THR B 97 -19.04 -9.19 7.88
C THR B 97 -18.35 -10.55 7.96
N ASN B 98 -19.03 -11.58 7.44
CA ASN B 98 -18.49 -12.93 7.42
C ASN B 98 -17.79 -13.20 6.10
N LYS B 99 -17.28 -14.42 5.95
CA LYS B 99 -16.63 -14.86 4.73
C LYS B 99 -17.28 -16.17 4.28
N VAL B 100 -18.09 -16.10 3.24
CA VAL B 100 -18.75 -17.30 2.73
C VAL B 100 -17.75 -18.22 2.04
N HIS B 101 -16.87 -17.66 1.22
CA HIS B 101 -15.89 -18.44 0.51
C HIS B 101 -14.56 -17.69 0.45
N ALA B 102 -13.49 -18.45 0.27
CA ALA B 102 -12.11 -17.97 0.29
C ALA B 102 -11.34 -18.55 -0.88
N ILE B 103 -11.90 -18.37 -2.09
CA ILE B 103 -11.44 -19.02 -3.32
C ILE B 103 -9.99 -18.66 -3.65
N PRO B 104 -9.10 -19.64 -3.74
CA PRO B 104 -7.72 -19.36 -4.16
C PRO B 104 -7.57 -19.35 -5.68
N LEU B 105 -6.67 -18.50 -6.14
CA LEU B 105 -6.47 -18.26 -7.56
C LEU B 105 -5.09 -18.75 -7.99
N ARG B 106 -5.01 -19.21 -9.24
CA ARG B 106 -3.73 -19.64 -9.80
C ARG B 106 -2.76 -18.47 -9.96
N SER B 107 -3.28 -17.32 -10.40
CA SER B 107 -2.48 -16.12 -10.58
C SER B 107 -2.91 -15.07 -9.57
N SER B 108 -1.94 -14.51 -8.85
CA SER B 108 -2.23 -13.46 -7.88
C SER B 108 -2.40 -12.09 -8.53
N TRP B 109 -2.05 -11.96 -9.81
CA TRP B 109 -2.18 -10.69 -10.52
C TRP B 109 -3.57 -10.63 -11.13
N VAL B 110 -4.51 -10.09 -10.35
CA VAL B 110 -5.93 -10.10 -10.70
C VAL B 110 -6.42 -8.66 -10.73
N MET B 111 -7.00 -8.25 -11.85
CA MET B 111 -7.50 -6.89 -12.02
C MET B 111 -9.02 -6.81 -12.08
N THR B 112 -9.73 -7.94 -12.15
CA THR B 112 -11.17 -7.90 -12.26
C THR B 112 -11.79 -9.12 -11.61
N CYS B 113 -13.06 -8.99 -11.26
CA CYS B 113 -13.87 -10.09 -10.72
C CYS B 113 -15.33 -9.76 -10.97
N ALA B 114 -16.16 -10.80 -10.96
CA ALA B 114 -17.57 -10.62 -11.26
C ALA B 114 -18.40 -11.59 -10.43
N TYR B 115 -19.68 -11.27 -10.29
CA TYR B 115 -20.64 -12.11 -9.59
C TYR B 115 -21.82 -12.35 -10.52
N ALA B 116 -22.26 -13.60 -10.62
CA ALA B 116 -23.34 -13.94 -11.51
C ALA B 116 -24.67 -13.41 -10.97
N PRO B 117 -25.61 -13.05 -11.85
CA PRO B 117 -26.96 -12.68 -11.39
C PRO B 117 -27.68 -13.82 -10.67
N SER B 118 -27.45 -15.06 -11.09
CA SER B 118 -28.02 -16.21 -10.38
C SER B 118 -27.28 -16.50 -9.08
N GLY B 119 -26.04 -16.03 -8.95
CA GLY B 119 -25.27 -16.23 -7.74
C GLY B 119 -24.51 -17.55 -7.67
N ASN B 120 -24.64 -18.41 -8.67
CA ASN B 120 -23.99 -19.71 -8.64
C ASN B 120 -22.55 -19.68 -9.13
N TYR B 121 -22.11 -18.59 -9.77
CA TYR B 121 -20.79 -18.54 -10.37
C TYR B 121 -20.14 -17.20 -10.07
N VAL B 122 -18.81 -17.19 -10.09
CA VAL B 122 -18.02 -15.97 -10.03
C VAL B 122 -16.95 -16.03 -11.12
N ALA B 123 -16.48 -14.86 -11.52
CA ALA B 123 -15.45 -14.75 -12.54
C ALA B 123 -14.21 -14.08 -11.95
N CYS B 124 -13.09 -14.27 -12.65
CA CYS B 124 -11.81 -13.74 -12.20
C CYS B 124 -10.89 -13.60 -13.39
N GLY B 125 -10.10 -12.54 -13.40
CA GLY B 125 -9.17 -12.31 -14.50
C GLY B 125 -8.16 -11.26 -14.13
N GLY B 126 -7.09 -11.22 -14.92
CA GLY B 126 -6.01 -10.27 -14.67
C GLY B 126 -4.89 -10.36 -15.69
N LEU B 127 -3.64 -10.37 -15.22
CA LEU B 127 -2.49 -10.40 -16.10
C LEU B 127 -2.22 -11.79 -16.69
N ASP B 128 -2.95 -12.81 -16.24
CA ASP B 128 -2.77 -14.17 -16.75
C ASP B 128 -3.52 -14.42 -18.05
N ASN B 129 -4.27 -13.42 -18.55
CA ASN B 129 -5.02 -13.45 -19.81
C ASN B 129 -6.08 -14.54 -19.84
N ILE B 130 -6.55 -14.98 -18.68
CA ILE B 130 -7.48 -16.11 -18.58
C ILE B 130 -8.64 -15.70 -17.69
N CYS B 131 -9.86 -15.83 -18.21
CA CYS B 131 -11.07 -15.60 -17.43
C CYS B 131 -11.46 -16.92 -16.76
N SER B 132 -11.31 -16.98 -15.44
CA SER B 132 -11.57 -18.19 -14.67
C SER B 132 -12.96 -18.12 -14.07
N ILE B 133 -13.78 -19.11 -14.37
CA ILE B 133 -15.13 -19.20 -13.83
C ILE B 133 -15.14 -20.25 -12.73
N TYR B 134 -15.62 -19.87 -11.54
CA TYR B 134 -15.63 -20.74 -10.38
C TYR B 134 -17.08 -21.05 -10.00
N ASN B 135 -17.40 -22.35 -9.91
CA ASN B 135 -18.74 -22.77 -9.53
C ASN B 135 -18.85 -22.80 -8.01
N LEU B 136 -19.92 -22.19 -7.48
CA LEU B 136 -20.13 -22.10 -6.04
C LEU B 136 -21.08 -23.17 -5.52
N LYS B 137 -22.20 -23.40 -6.22
CA LYS B 137 -23.18 -24.40 -5.78
C LYS B 137 -22.75 -25.77 -6.29
N THR B 138 -21.83 -26.37 -5.55
CA THR B 138 -21.28 -27.69 -5.89
C THR B 138 -21.59 -28.68 -4.77
N ARG B 139 -21.77 -29.94 -5.16
CA ARG B 139 -22.02 -31.01 -4.20
C ARG B 139 -20.79 -31.43 -3.43
N GLU B 140 -19.59 -31.03 -3.89
CA GLU B 140 -18.35 -31.39 -3.21
C GLU B 140 -18.11 -30.58 -1.94
N GLY B 141 -18.84 -29.49 -1.74
CA GLY B 141 -18.64 -28.65 -0.58
C GLY B 141 -17.53 -27.63 -0.71
N ASN B 142 -16.85 -27.57 -1.84
CA ASN B 142 -15.77 -26.62 -2.07
C ASN B 142 -15.93 -25.99 -3.44
N VAL B 143 -15.32 -24.82 -3.61
CA VAL B 143 -15.40 -24.10 -4.87
C VAL B 143 -14.47 -24.75 -5.89
N ARG B 144 -15.01 -25.07 -7.05
CA ARG B 144 -14.27 -25.74 -8.11
C ARG B 144 -14.17 -24.82 -9.31
N VAL B 145 -13.05 -24.92 -10.03
CA VAL B 145 -12.85 -24.13 -11.25
C VAL B 145 -13.71 -24.74 -12.35
N SER B 146 -14.73 -23.99 -12.80
CA SER B 146 -15.65 -24.51 -13.80
C SER B 146 -15.03 -24.48 -15.19
N ARG B 147 -14.67 -23.29 -15.67
CA ARG B 147 -14.11 -23.13 -17.00
C ARG B 147 -13.04 -22.04 -16.98
N GLU B 148 -12.15 -22.11 -17.96
CA GLU B 148 -11.12 -21.10 -18.16
C GLU B 148 -11.19 -20.63 -19.61
N LEU B 149 -11.21 -19.31 -19.80
CA LEU B 149 -11.34 -18.69 -21.11
C LEU B 149 -10.02 -18.01 -21.45
N ALA B 150 -9.25 -18.62 -22.34
CA ALA B 150 -7.90 -18.18 -22.67
C ALA B 150 -7.79 -17.73 -24.13
N GLY B 151 -8.78 -17.00 -24.61
CA GLY B 151 -8.78 -16.48 -25.96
C GLY B 151 -8.34 -15.04 -26.11
N HIS B 152 -7.86 -14.41 -25.05
CA HIS B 152 -7.42 -13.01 -25.08
C HIS B 152 -5.90 -12.96 -25.09
N THR B 153 -5.35 -12.15 -25.99
CA THR B 153 -3.91 -11.92 -26.06
C THR B 153 -3.45 -10.74 -25.21
N GLY B 154 -4.38 -10.10 -24.49
CA GLY B 154 -4.03 -9.01 -23.60
C GLY B 154 -4.55 -9.26 -22.20
N TYR B 155 -4.12 -8.42 -21.28
CA TYR B 155 -4.51 -8.55 -19.88
C TYR B 155 -5.98 -8.21 -19.69
N LEU B 156 -6.67 -9.02 -18.90
CA LEU B 156 -8.09 -8.81 -18.66
C LEU B 156 -8.30 -7.67 -17.67
N SER B 157 -9.22 -6.78 -18.00
CA SER B 157 -9.49 -5.61 -17.16
C SER B 157 -10.89 -5.58 -16.59
N CYS B 158 -11.89 -6.15 -17.27
CA CYS B 158 -13.23 -6.21 -16.74
C CYS B 158 -13.95 -7.42 -17.32
N CYS B 159 -14.95 -7.89 -16.58
CA CYS B 159 -15.77 -9.03 -17.00
C CYS B 159 -17.11 -8.93 -16.32
N ARG B 160 -18.18 -9.23 -17.05
CA ARG B 160 -19.53 -9.14 -16.53
C ARG B 160 -20.36 -10.29 -17.07
N PHE B 161 -21.13 -10.95 -16.19
CA PHE B 161 -22.03 -12.01 -16.61
C PHE B 161 -23.29 -11.41 -17.22
N LEU B 162 -23.80 -12.06 -18.27
CA LEU B 162 -25.05 -11.65 -18.88
C LEU B 162 -26.24 -12.42 -18.31
N ASP B 163 -26.25 -13.75 -18.47
CA ASP B 163 -27.36 -14.59 -18.04
C ASP B 163 -26.88 -15.92 -17.48
N ASP B 164 -25.72 -15.90 -16.79
CA ASP B 164 -25.06 -17.06 -16.18
C ASP B 164 -24.66 -18.13 -17.19
N ASN B 165 -24.63 -17.79 -18.47
CA ASN B 165 -24.07 -18.64 -19.52
C ASN B 165 -23.18 -17.88 -20.50
N GLN B 166 -23.35 -16.56 -20.62
CA GLN B 166 -22.52 -15.73 -21.47
C GLN B 166 -21.89 -14.64 -20.62
N ILE B 167 -20.59 -14.40 -20.82
CA ILE B 167 -19.86 -13.38 -20.09
C ILE B 167 -19.11 -12.50 -21.09
N VAL B 168 -19.25 -11.19 -20.95
CA VAL B 168 -18.58 -10.23 -21.82
C VAL B 168 -17.33 -9.74 -21.09
N THR B 169 -16.17 -9.93 -21.71
CA THR B 169 -14.89 -9.59 -21.10
C THR B 169 -14.19 -8.53 -21.93
N SER B 170 -13.59 -7.56 -21.23
CA SER B 170 -12.78 -6.52 -21.86
C SER B 170 -11.33 -6.76 -21.49
N SER B 171 -10.46 -6.84 -22.49
CA SER B 171 -9.06 -7.19 -22.28
C SER B 171 -8.16 -6.04 -22.72
N GLY B 172 -6.86 -6.25 -22.53
CA GLY B 172 -5.84 -5.28 -22.83
C GLY B 172 -5.26 -5.35 -24.22
N ASP B 173 -5.83 -6.15 -25.12
CA ASP B 173 -5.40 -6.21 -26.51
C ASP B 173 -6.35 -5.48 -27.43
N THR B 174 -6.91 -4.36 -26.94
CA THR B 174 -7.83 -3.47 -27.66
C THR B 174 -9.07 -4.19 -28.18
N THR B 175 -9.49 -5.25 -27.50
CA THR B 175 -10.63 -6.06 -27.93
C THR B 175 -11.56 -6.33 -26.77
N CYS B 176 -12.85 -6.49 -27.11
CA CYS B 176 -13.86 -7.03 -26.20
C CYS B 176 -14.46 -8.27 -26.84
N ALA B 177 -14.80 -9.25 -26.01
CA ALA B 177 -15.29 -10.52 -26.53
C ALA B 177 -16.51 -10.98 -25.75
N LEU B 178 -17.46 -11.59 -26.45
CA LEU B 178 -18.60 -12.26 -25.84
C LEU B 178 -18.30 -13.75 -25.78
N TRP B 179 -18.35 -14.32 -24.58
CA TRP B 179 -17.97 -15.70 -24.37
C TRP B 179 -19.20 -16.58 -24.18
N ASP B 180 -18.97 -17.89 -24.28
CA ASP B 180 -19.95 -18.90 -23.89
C ASP B 180 -19.28 -19.80 -22.86
N ILE B 181 -19.89 -19.93 -21.68
CA ILE B 181 -19.29 -20.67 -20.59
C ILE B 181 -19.27 -22.16 -20.89
N GLU B 182 -20.38 -22.70 -21.42
CA GLU B 182 -20.48 -24.13 -21.66
C GLU B 182 -19.59 -24.61 -22.80
N THR B 183 -19.22 -23.74 -23.74
CA THR B 183 -18.36 -24.12 -24.85
C THR B 183 -16.94 -23.58 -24.75
N GLY B 184 -16.72 -22.52 -23.98
CA GLY B 184 -15.38 -21.95 -23.84
C GLY B 184 -14.87 -21.25 -25.07
N GLN B 185 -15.77 -20.75 -25.92
CA GLN B 185 -15.40 -20.11 -27.18
C GLN B 185 -15.91 -18.69 -27.23
N GLN B 186 -15.25 -17.85 -28.02
CA GLN B 186 -15.67 -16.47 -28.22
C GLN B 186 -16.83 -16.46 -29.20
N THR B 187 -18.03 -16.12 -28.70
CA THR B 187 -19.21 -16.06 -29.55
C THR B 187 -19.14 -14.87 -30.50
N THR B 188 -18.82 -13.69 -29.97
CA THR B 188 -18.73 -12.48 -30.78
C THR B 188 -17.59 -11.63 -30.25
N THR B 189 -16.74 -11.15 -31.16
CA THR B 189 -15.58 -10.34 -30.82
C THR B 189 -15.81 -8.91 -31.28
N PHE B 190 -15.53 -7.95 -30.39
CA PHE B 190 -15.74 -6.53 -30.65
C PHE B 190 -14.38 -5.86 -30.78
N THR B 191 -14.00 -5.53 -32.02
CA THR B 191 -12.71 -4.93 -32.34
C THR B 191 -12.96 -3.54 -32.93
N GLY B 192 -13.02 -2.53 -32.07
CA GLY B 192 -13.21 -1.17 -32.54
C GLY B 192 -12.30 -0.16 -31.88
N HIS B 193 -11.63 -0.56 -30.80
CA HIS B 193 -10.80 0.36 -30.04
C HIS B 193 -9.35 0.30 -30.51
N THR B 194 -8.68 1.44 -30.44
CA THR B 194 -7.25 1.52 -30.73
C THR B 194 -6.39 1.42 -29.49
N GLY B 195 -6.90 1.87 -28.34
CA GLY B 195 -6.23 1.67 -27.07
C GLY B 195 -6.84 0.51 -26.32
N ASP B 196 -6.11 0.03 -25.31
CA ASP B 196 -6.59 -1.10 -24.52
C ASP B 196 -7.76 -0.70 -23.63
N VAL B 197 -8.71 -1.62 -23.47
CA VAL B 197 -9.95 -1.34 -22.77
C VAL B 197 -9.77 -1.65 -21.29
N MET B 198 -10.13 -0.69 -20.45
CA MET B 198 -9.94 -0.81 -19.00
C MET B 198 -11.23 -0.85 -18.20
N SER B 199 -12.39 -0.71 -18.84
CA SER B 199 -13.64 -0.70 -18.10
C SER B 199 -14.75 -1.23 -18.98
N LEU B 200 -15.77 -1.80 -18.34
CA LEU B 200 -16.95 -2.32 -19.03
C LEU B 200 -18.12 -2.31 -18.06
N SER B 201 -19.30 -2.02 -18.58
CA SER B 201 -20.53 -2.06 -17.80
C SER B 201 -21.65 -2.57 -18.68
N LEU B 202 -22.68 -3.13 -18.06
CA LEU B 202 -23.81 -3.71 -18.76
C LEU B 202 -25.07 -2.89 -18.50
N ALA B 203 -25.84 -2.65 -19.54
CA ALA B 203 -27.12 -1.98 -19.41
C ALA B 203 -28.12 -2.92 -18.73
N PRO B 204 -29.14 -2.37 -18.04
CA PRO B 204 -30.09 -3.24 -17.32
C PRO B 204 -30.92 -4.17 -18.19
N ASP B 205 -31.09 -3.89 -19.48
CA ASP B 205 -31.80 -4.82 -20.35
C ASP B 205 -30.89 -5.91 -20.92
N THR B 206 -29.59 -5.85 -20.62
CA THR B 206 -28.58 -6.85 -20.98
C THR B 206 -28.53 -7.11 -22.49
N ARG B 207 -28.62 -6.04 -23.27
CA ARG B 207 -28.51 -6.12 -24.72
C ARG B 207 -27.51 -5.15 -25.32
N LEU B 208 -27.18 -4.05 -24.64
CA LEU B 208 -26.21 -3.08 -25.11
C LEU B 208 -25.17 -2.85 -24.03
N PHE B 209 -23.94 -2.54 -24.43
CA PHE B 209 -22.91 -2.23 -23.46
C PHE B 209 -21.89 -1.28 -24.09
N VAL B 210 -21.34 -0.40 -23.25
CA VAL B 210 -20.32 0.55 -23.66
C VAL B 210 -19.03 0.22 -22.93
N SER B 211 -17.93 0.14 -23.67
CA SER B 211 -16.61 -0.17 -23.13
C SER B 211 -15.73 1.07 -23.22
N GLY B 212 -15.05 1.40 -22.14
CA GLY B 212 -14.15 2.54 -22.09
C GLY B 212 -12.71 2.11 -22.18
N ALA B 213 -12.01 2.63 -23.18
CA ALA B 213 -10.62 2.28 -23.44
C ALA B 213 -9.72 3.48 -23.17
N CYS B 214 -8.42 3.29 -23.44
CA CYS B 214 -7.41 4.29 -23.12
C CYS B 214 -7.15 5.26 -24.25
N ASP B 215 -7.91 5.19 -25.35
CA ASP B 215 -7.78 6.14 -26.44
C ASP B 215 -8.74 7.31 -26.30
N ALA B 216 -9.17 7.62 -25.06
CA ALA B 216 -10.15 8.68 -24.74
C ALA B 216 -11.45 8.50 -25.52
N SER B 217 -11.89 7.26 -25.64
CA SER B 217 -13.07 6.93 -26.42
C SER B 217 -13.86 5.82 -25.72
N ALA B 218 -15.18 6.01 -25.66
CA ALA B 218 -16.10 4.99 -25.17
C ALA B 218 -17.03 4.60 -26.32
N LYS B 219 -17.06 3.31 -26.65
CA LYS B 219 -17.79 2.81 -27.79
C LYS B 219 -18.95 1.92 -27.34
N LEU B 220 -20.14 2.22 -27.83
CA LEU B 220 -21.32 1.41 -27.52
C LEU B 220 -21.40 0.22 -28.46
N TRP B 221 -21.58 -0.97 -27.90
CA TRP B 221 -21.63 -2.20 -28.67
C TRP B 221 -22.97 -2.91 -28.46
N ASP B 222 -23.26 -3.85 -29.35
CA ASP B 222 -24.41 -4.72 -29.25
C ASP B 222 -23.94 -6.16 -29.05
N VAL B 223 -24.56 -6.86 -28.10
CA VAL B 223 -24.15 -8.23 -27.80
C VAL B 223 -24.60 -9.22 -28.87
N ARG B 224 -25.54 -8.84 -29.72
CA ARG B 224 -26.03 -9.71 -30.79
C ARG B 224 -25.58 -9.26 -32.17
N GLU B 225 -25.57 -7.95 -32.42
CA GLU B 225 -25.11 -7.45 -33.71
C GLU B 225 -23.58 -7.52 -33.80
N GLY B 226 -22.89 -7.27 -32.70
CA GLY B 226 -21.45 -7.30 -32.73
C GLY B 226 -20.81 -6.12 -33.42
N MET B 227 -21.55 -5.03 -33.52
CA MET B 227 -21.13 -3.82 -34.21
C MET B 227 -21.11 -2.64 -33.25
N CYS B 228 -20.22 -1.69 -33.50
CA CYS B 228 -20.12 -0.50 -32.67
C CYS B 228 -21.27 0.45 -33.01
N ARG B 229 -22.23 0.56 -32.09
CA ARG B 229 -23.38 1.44 -32.36
C ARG B 229 -23.02 2.91 -32.27
N GLN B 230 -22.29 3.34 -31.25
CA GLN B 230 -21.95 4.74 -31.12
C GLN B 230 -20.53 4.88 -30.59
N THR B 231 -19.89 5.99 -30.90
CA THR B 231 -18.55 6.30 -30.40
C THR B 231 -18.59 7.65 -29.71
N PHE B 232 -18.07 7.71 -28.49
CA PHE B 232 -18.11 8.92 -27.67
C PHE B 232 -16.68 9.36 -27.37
N THR B 233 -16.27 10.50 -27.90
CA THR B 233 -14.93 11.04 -27.72
C THR B 233 -15.04 12.43 -27.11
N GLY B 234 -15.07 12.48 -25.78
CA GLY B 234 -15.14 13.75 -25.07
C GLY B 234 -14.00 13.93 -24.09
N HIS B 235 -13.41 12.83 -23.64
CA HIS B 235 -12.35 12.88 -22.66
C HIS B 235 -11.04 13.31 -23.29
N GLU B 236 -10.14 13.83 -22.46
CA GLU B 236 -8.81 14.23 -22.91
C GLU B 236 -7.71 13.28 -22.45
N SER B 237 -8.01 12.37 -21.53
CA SER B 237 -7.03 11.39 -21.08
C SER B 237 -7.60 9.99 -21.21
N ASP B 238 -6.87 8.99 -20.71
CA ASP B 238 -7.31 7.61 -20.81
C ASP B 238 -8.45 7.31 -19.85
N ILE B 239 -9.39 6.49 -20.30
CA ILE B 239 -10.60 6.16 -19.54
C ILE B 239 -10.44 4.78 -18.92
N ASN B 240 -10.65 4.69 -17.61
CA ASN B 240 -10.55 3.42 -16.90
C ASN B 240 -11.73 3.21 -15.95
N ALA B 241 -12.86 3.86 -16.21
CA ALA B 241 -14.05 3.72 -15.37
C ALA B 241 -15.27 4.02 -16.22
N ILE B 242 -16.30 3.18 -16.11
CA ILE B 242 -17.54 3.38 -16.84
C ILE B 242 -18.67 2.71 -16.08
N CYS B 243 -19.87 3.27 -16.23
CA CYS B 243 -21.09 2.75 -15.62
C CYS B 243 -22.28 3.33 -16.37
N PHE B 244 -23.38 2.57 -16.40
CA PHE B 244 -24.61 3.03 -17.00
C PHE B 244 -25.49 3.78 -16.01
N PHE B 245 -26.33 4.66 -16.55
CA PHE B 245 -27.44 5.21 -15.81
C PHE B 245 -28.46 4.09 -15.54
N PRO B 246 -29.21 4.18 -14.43
CA PRO B 246 -30.28 3.20 -14.20
C PRO B 246 -31.40 3.26 -15.23
N ASN B 247 -31.58 4.38 -15.91
CA ASN B 247 -32.52 4.44 -17.02
C ASN B 247 -32.05 3.60 -18.20
N GLY B 248 -30.74 3.52 -18.43
CA GLY B 248 -30.19 2.78 -19.53
C GLY B 248 -29.98 3.58 -20.80
N ASN B 249 -30.45 4.83 -20.85
CA ASN B 249 -30.27 5.68 -22.01
C ASN B 249 -29.06 6.59 -21.90
N ALA B 250 -28.26 6.46 -20.85
CA ALA B 250 -27.08 7.29 -20.66
C ALA B 250 -26.04 6.51 -19.87
N PHE B 251 -24.81 7.00 -19.91
CA PHE B 251 -23.73 6.38 -19.16
C PHE B 251 -22.70 7.44 -18.77
N ALA B 252 -21.93 7.13 -17.73
CA ALA B 252 -20.91 8.04 -17.22
C ALA B 252 -19.55 7.38 -17.27
N THR B 253 -18.52 8.20 -17.49
CA THR B 253 -17.15 7.72 -17.63
C THR B 253 -16.25 8.39 -16.60
N GLY B 254 -15.15 7.72 -16.27
CA GLY B 254 -14.15 8.26 -15.38
C GLY B 254 -12.76 8.12 -15.95
N SER B 255 -12.03 9.22 -16.08
CA SER B 255 -10.72 9.24 -16.70
C SER B 255 -9.65 9.67 -15.70
N ASP B 256 -8.42 9.76 -16.18
CA ASP B 256 -7.31 10.27 -15.38
C ASP B 256 -7.14 11.78 -15.50
N ASP B 257 -8.05 12.45 -16.20
CA ASP B 257 -8.05 13.90 -16.31
C ASP B 257 -8.81 14.59 -15.18
N ALA B 258 -9.14 13.84 -14.12
CA ALA B 258 -9.95 14.30 -12.98
C ALA B 258 -11.30 14.85 -13.43
N THR B 259 -11.87 14.22 -14.46
CA THR B 259 -13.15 14.64 -15.03
C THR B 259 -14.06 13.43 -15.16
N CYS B 260 -15.31 13.60 -14.71
CA CYS B 260 -16.36 12.64 -14.97
C CYS B 260 -17.31 13.24 -16.00
N ARG B 261 -17.61 12.50 -17.06
CA ARG B 261 -18.43 12.98 -18.15
C ARG B 261 -19.61 12.05 -18.34
N LEU B 262 -20.81 12.63 -18.42
CA LEU B 262 -22.04 11.88 -18.63
C LEU B 262 -22.44 11.98 -20.10
N PHE B 263 -22.48 10.84 -20.78
CA PHE B 263 -22.81 10.79 -22.20
C PHE B 263 -24.21 10.20 -22.37
N ASP B 264 -24.98 10.78 -23.29
CA ASP B 264 -26.33 10.32 -23.60
C ASP B 264 -26.31 9.51 -24.88
N LEU B 265 -27.01 8.38 -24.88
CA LEU B 265 -27.06 7.52 -26.06
C LEU B 265 -27.87 8.16 -27.19
N ARG B 266 -29.02 8.75 -26.84
CA ARG B 266 -29.88 9.35 -27.87
C ARG B 266 -29.31 10.67 -28.36
N ALA B 267 -28.77 11.50 -27.46
CA ALA B 267 -28.18 12.77 -27.86
C ALA B 267 -26.82 12.61 -28.52
N ASP B 268 -26.15 11.47 -28.28
CA ASP B 268 -24.89 11.08 -28.93
C ASP B 268 -23.75 12.07 -28.68
N GLN B 269 -23.77 12.75 -27.54
CA GLN B 269 -22.68 13.63 -27.15
C GLN B 269 -22.68 13.80 -25.64
N GLU B 270 -21.73 14.59 -25.15
CA GLU B 270 -21.53 14.79 -23.72
C GLU B 270 -22.58 15.75 -23.17
N LEU B 271 -23.11 15.43 -22.00
CA LEU B 271 -24.09 16.27 -21.32
C LEU B 271 -23.47 17.17 -20.26
N MET B 272 -22.72 16.59 -19.32
CA MET B 272 -22.22 17.34 -18.17
C MET B 272 -20.83 16.83 -17.80
N THR B 273 -19.95 17.76 -17.43
CA THR B 273 -18.60 17.45 -16.99
C THR B 273 -18.53 17.65 -15.48
N TYR B 274 -18.37 16.56 -14.74
CA TYR B 274 -18.25 16.64 -13.28
C TYR B 274 -16.78 16.80 -12.93
N SER B 275 -16.29 18.03 -13.13
CA SER B 275 -14.89 18.37 -12.90
C SER B 275 -14.77 19.37 -11.77
N HIS B 276 -13.75 19.19 -10.93
CA HIS B 276 -13.44 20.11 -9.84
C HIS B 276 -12.00 20.55 -9.99
N ASP B 277 -11.76 21.87 -9.90
CA ASP B 277 -10.42 22.40 -10.09
C ASP B 277 -9.49 22.05 -8.93
N ASN B 278 -10.03 21.76 -7.76
CA ASN B 278 -9.21 21.28 -6.65
C ASN B 278 -8.70 19.86 -6.87
N ILE B 279 -9.41 19.07 -7.67
CA ILE B 279 -9.05 17.69 -7.92
C ILE B 279 -8.13 17.62 -9.13
N ILE B 280 -6.97 16.97 -8.97
CA ILE B 280 -6.00 16.80 -10.03
C ILE B 280 -5.82 15.34 -10.40
N CYS B 281 -5.82 14.45 -9.41
CA CYS B 281 -5.53 13.03 -9.60
C CYS B 281 -6.65 12.32 -10.34
N GLY B 282 -6.34 11.10 -10.82
CA GLY B 282 -7.23 10.37 -11.68
C GLY B 282 -8.37 9.67 -10.94
N ILE B 283 -9.26 9.08 -11.75
CA ILE B 283 -10.47 8.43 -11.26
C ILE B 283 -10.39 6.95 -11.61
N THR B 284 -10.67 6.09 -10.64
CA THR B 284 -10.55 4.64 -10.81
C THR B 284 -11.86 3.96 -11.16
N SER B 285 -12.93 4.25 -10.43
CA SER B 285 -14.19 3.54 -10.61
C SER B 285 -15.35 4.49 -10.39
N VAL B 286 -16.38 4.36 -11.22
CA VAL B 286 -17.59 5.17 -11.11
C VAL B 286 -18.79 4.25 -11.02
N SER B 287 -19.82 4.70 -10.31
CA SER B 287 -21.07 3.98 -10.20
C SER B 287 -22.18 4.96 -9.85
N PHE B 288 -23.40 4.63 -10.27
CA PHE B 288 -24.57 5.44 -10.00
C PHE B 288 -25.36 4.89 -8.81
N SER B 289 -26.31 5.69 -8.34
CA SER B 289 -27.18 5.30 -7.24
C SER B 289 -28.38 4.52 -7.81
N LYS B 290 -29.40 4.31 -6.97
CA LYS B 290 -30.60 3.60 -7.44
C LYS B 290 -31.40 4.45 -8.41
N SER B 291 -31.61 5.73 -8.09
CA SER B 291 -32.27 6.64 -9.01
C SER B 291 -31.31 7.28 -10.00
N GLY B 292 -30.00 7.14 -9.79
CA GLY B 292 -29.02 7.73 -10.68
C GLY B 292 -28.69 9.18 -10.43
N ARG B 293 -29.29 9.82 -9.41
CA ARG B 293 -28.99 11.22 -9.15
C ARG B 293 -27.62 11.40 -8.50
N LEU B 294 -27.14 10.40 -7.77
CA LEU B 294 -25.82 10.45 -7.14
C LEU B 294 -24.85 9.63 -7.97
N LEU B 295 -23.78 10.28 -8.43
CA LEU B 295 -22.69 9.60 -9.13
C LEU B 295 -21.50 9.54 -8.19
N LEU B 296 -21.04 8.34 -7.89
CA LEU B 296 -19.96 8.12 -6.94
C LEU B 296 -18.71 7.71 -7.70
N ALA B 297 -17.64 8.48 -7.57
CA ALA B 297 -16.41 8.27 -8.31
C ALA B 297 -15.25 8.06 -7.34
N GLY B 298 -14.44 7.03 -7.61
CA GLY B 298 -13.28 6.75 -6.79
C GLY B 298 -12.02 7.38 -7.33
N TYR B 299 -11.40 8.26 -6.55
CA TYR B 299 -10.27 9.06 -7.01
C TYR B 299 -8.95 8.46 -6.50
N ASP B 300 -7.85 9.18 -6.71
CA ASP B 300 -6.53 8.77 -6.26
C ASP B 300 -6.01 9.60 -5.10
N ASP B 301 -6.82 10.51 -4.55
CA ASP B 301 -6.42 11.30 -3.40
C ASP B 301 -6.86 10.67 -2.09
N PHE B 302 -6.89 9.34 -2.04
CA PHE B 302 -7.20 8.45 -0.91
C PHE B 302 -8.68 8.46 -0.53
N ASN B 303 -9.51 9.26 -1.19
CA ASN B 303 -10.93 9.35 -0.90
C ASN B 303 -11.73 9.19 -2.19
N CYS B 304 -13.04 9.01 -2.03
CA CYS B 304 -13.96 8.98 -3.16
C CYS B 304 -15.10 9.96 -2.90
N ASN B 305 -15.49 10.69 -3.94
CA ASN B 305 -16.46 11.77 -3.82
C ASN B 305 -17.82 11.33 -4.36
N VAL B 306 -18.85 12.04 -3.92
CA VAL B 306 -20.23 11.84 -4.39
C VAL B 306 -20.62 13.05 -5.21
N TRP B 307 -20.97 12.83 -6.47
CA TRP B 307 -21.26 13.91 -7.40
C TRP B 307 -22.74 13.93 -7.75
N ASP B 308 -23.33 15.12 -7.75
CA ASP B 308 -24.69 15.28 -8.22
C ASP B 308 -24.71 15.13 -9.74
N ALA B 309 -25.49 14.17 -10.23
CA ALA B 309 -25.48 13.86 -11.66
C ALA B 309 -26.23 14.89 -12.50
N LEU B 310 -26.99 15.79 -11.88
CA LEU B 310 -27.72 16.81 -12.62
C LEU B 310 -27.28 18.23 -12.31
N LYS B 311 -26.41 18.44 -11.31
CA LYS B 311 -25.96 19.77 -10.95
C LYS B 311 -24.44 19.92 -10.94
N ALA B 312 -23.69 18.82 -11.08
CA ALA B 312 -22.22 18.81 -11.11
C ALA B 312 -21.60 19.44 -9.85
N ASP B 313 -22.21 19.17 -8.71
CA ASP B 313 -21.73 19.68 -7.43
C ASP B 313 -21.25 18.53 -6.56
N ARG B 314 -20.14 18.76 -5.86
CA ARG B 314 -19.56 17.76 -4.97
C ARG B 314 -20.45 17.63 -3.74
N ALA B 315 -21.26 16.58 -3.72
CA ALA B 315 -22.27 16.42 -2.67
C ALA B 315 -21.62 16.02 -1.35
N GLY B 316 -20.66 15.10 -1.38
CA GLY B 316 -20.02 14.65 -0.17
C GLY B 316 -18.73 13.93 -0.46
N VAL B 317 -17.88 13.84 0.57
CA VAL B 317 -16.59 13.17 0.49
C VAL B 317 -16.64 11.96 1.40
N LEU B 318 -16.36 10.78 0.84
CA LEU B 318 -16.31 9.54 1.61
C LEU B 318 -14.88 9.22 2.01
N ALA B 319 -14.30 10.12 2.82
CA ALA B 319 -12.91 10.00 3.23
C ALA B 319 -12.81 9.00 4.36
N GLY B 320 -12.48 7.75 4.02
CA GLY B 320 -12.32 6.71 5.01
C GLY B 320 -11.21 5.73 4.69
N HIS B 321 -10.44 6.03 3.65
CA HIS B 321 -9.37 5.15 3.19
C HIS B 321 -8.03 5.86 3.28
N ASP B 322 -7.00 5.13 3.71
CA ASP B 322 -5.65 5.65 3.78
C ASP B 322 -4.80 5.22 2.59
N ASN B 323 -5.42 4.70 1.54
CA ASN B 323 -4.73 4.36 0.31
C ASN B 323 -5.66 4.64 -0.86
N ARG B 324 -5.18 4.34 -2.06
CA ARG B 324 -5.91 4.65 -3.29
C ARG B 324 -7.11 3.72 -3.44
N VAL B 325 -8.31 4.30 -3.52
CA VAL B 325 -9.50 3.50 -3.77
C VAL B 325 -9.54 3.09 -5.22
N SER B 326 -9.78 1.79 -5.46
CA SER B 326 -9.68 1.22 -6.80
C SER B 326 -10.98 0.65 -7.33
N CYS B 327 -11.93 0.32 -6.47
CA CYS B 327 -13.20 -0.24 -6.90
C CYS B 327 -14.32 0.34 -6.06
N LEU B 328 -15.52 0.39 -6.65
CA LEU B 328 -16.68 0.97 -6.00
C LEU B 328 -17.92 0.28 -6.54
N GLY B 329 -18.80 -0.15 -5.65
CA GLY B 329 -20.00 -0.85 -6.08
C GLY B 329 -21.25 -0.45 -5.30
N VAL B 330 -22.36 -0.33 -6.01
CA VAL B 330 -23.65 0.00 -5.43
C VAL B 330 -24.58 -1.19 -5.67
N THR B 331 -25.36 -1.54 -4.64
CA THR B 331 -26.25 -2.69 -4.70
C THR B 331 -27.39 -2.45 -5.68
N ASP B 332 -28.14 -3.53 -5.97
CA ASP B 332 -29.25 -3.44 -6.92
C ASP B 332 -30.39 -2.59 -6.38
N ASP B 333 -30.62 -2.64 -5.07
CA ASP B 333 -31.63 -1.79 -4.44
C ASP B 333 -31.04 -0.51 -3.84
N GLY B 334 -29.74 -0.30 -3.98
CA GLY B 334 -29.14 0.94 -3.55
C GLY B 334 -29.02 1.13 -2.05
N MET B 335 -29.04 0.03 -1.28
CA MET B 335 -29.00 0.18 0.17
C MET B 335 -27.63 0.62 0.68
N ALA B 336 -26.55 0.18 0.03
CA ALA B 336 -25.22 0.47 0.53
C ALA B 336 -24.23 0.58 -0.62
N VAL B 337 -23.12 1.26 -0.34
CA VAL B 337 -22.01 1.40 -1.27
C VAL B 337 -20.76 0.85 -0.59
N ALA B 338 -20.08 -0.08 -1.25
CA ALA B 338 -18.86 -0.67 -0.73
C ALA B 338 -17.69 -0.25 -1.60
N THR B 339 -16.67 0.36 -0.98
CA THR B 339 -15.49 0.82 -1.67
C THR B 339 -14.28 0.02 -1.18
N GLY B 340 -13.55 -0.56 -2.11
CA GLY B 340 -12.32 -1.27 -1.81
C GLY B 340 -11.13 -0.46 -2.30
N SER B 341 -10.07 -0.44 -1.49
CA SER B 341 -8.91 0.39 -1.78
C SER B 341 -7.65 -0.46 -1.85
N TRP B 342 -6.50 0.20 -1.96
CA TRP B 342 -5.23 -0.51 -2.09
C TRP B 342 -4.66 -0.95 -0.75
N ASP B 343 -5.35 -0.71 0.35
CA ASP B 343 -5.04 -1.35 1.61
C ASP B 343 -5.73 -2.72 1.64
N SER B 344 -5.79 -3.35 2.80
CA SER B 344 -6.42 -4.66 2.94
C SER B 344 -7.87 -4.56 3.40
N PHE B 345 -8.55 -3.45 3.10
CA PHE B 345 -9.87 -3.19 3.66
C PHE B 345 -10.88 -2.86 2.56
N LEU B 346 -12.08 -3.41 2.71
CA LEU B 346 -13.27 -2.92 2.02
C LEU B 346 -14.16 -2.24 3.06
N LYS B 347 -14.63 -1.04 2.75
CA LYS B 347 -15.48 -0.28 3.64
C LYS B 347 -16.85 -0.12 3.00
N ILE B 348 -17.90 -0.50 3.72
CA ILE B 348 -19.27 -0.44 3.24
C ILE B 348 -19.94 0.79 3.86
N TRP B 349 -20.52 1.62 3.00
CA TRP B 349 -21.07 2.91 3.39
C TRP B 349 -22.59 2.86 3.27
N ASN B 350 -23.28 3.36 4.30
CA ASN B 350 -24.74 3.27 4.46
C ASN B 350 -25.29 1.86 4.31
N ALA C 10 -22.44 -20.81 13.68
CA ALA C 10 -21.83 -21.80 12.82
C ALA C 10 -21.05 -21.14 11.68
N ALA C 11 -21.65 -20.11 11.07
CA ALA C 11 -21.00 -19.39 10.00
C ALA C 11 -19.87 -18.51 10.50
N VAL C 12 -19.91 -18.10 11.77
CA VAL C 12 -18.81 -17.33 12.34
C VAL C 12 -17.57 -18.19 12.49
N GLU C 13 -17.75 -19.46 12.88
CA GLU C 13 -16.62 -20.37 13.01
C GLU C 13 -16.01 -20.72 11.65
N ARG C 14 -16.82 -20.76 10.59
CA ARG C 14 -16.29 -20.96 9.26
C ARG C 14 -15.48 -19.74 8.81
N SER C 15 -15.94 -18.54 9.16
CA SER C 15 -15.18 -17.33 8.86
C SER C 15 -13.90 -17.24 9.67
N LYS C 16 -13.91 -17.74 10.91
CA LYS C 16 -12.69 -17.77 11.72
C LYS C 16 -11.72 -18.83 11.22
N MET C 17 -12.24 -19.95 10.71
CA MET C 17 -11.37 -20.98 10.13
C MET C 17 -10.74 -20.52 8.84
N ILE C 18 -11.45 -19.67 8.08
CA ILE C 18 -10.90 -19.08 6.87
C ILE C 18 -9.76 -18.12 7.21
N ASP C 19 -9.93 -17.33 8.28
CA ASP C 19 -8.91 -16.35 8.66
C ASP C 19 -7.62 -17.02 9.13
N ARG C 20 -7.71 -18.22 9.69
CA ARG C 20 -6.51 -18.99 9.97
C ARG C 20 -5.81 -19.42 8.68
N ASN C 21 -6.59 -19.81 7.67
CA ASN C 21 -6.02 -20.19 6.40
C ASN C 21 -5.54 -18.99 5.61
N LEU C 22 -6.14 -17.81 5.84
CA LEU C 22 -5.70 -16.62 5.14
C LEU C 22 -4.38 -16.10 5.69
N ARG C 23 -4.22 -16.15 7.03
CA ARG C 23 -2.97 -15.67 7.64
C ARG C 23 -1.83 -16.65 7.42
N GLU C 24 -2.14 -17.94 7.24
CA GLU C 24 -1.10 -18.91 6.91
C GLU C 24 -0.56 -18.70 5.50
N ASP C 25 -1.44 -18.36 4.56
CA ASP C 25 -0.99 -18.09 3.19
C ASP C 25 -0.31 -16.73 3.09
N GLY C 26 -0.69 -15.77 3.95
CA GLY C 26 -0.04 -14.48 3.94
C GLY C 26 1.36 -14.49 4.52
N GLU C 27 1.66 -15.46 5.38
CA GLU C 27 3.02 -15.59 5.91
C GLU C 27 3.97 -16.11 4.83
N LYS C 28 3.51 -17.05 4.00
CA LYS C 28 4.34 -17.57 2.93
C LYS C 28 4.49 -16.56 1.80
N ALA C 29 3.47 -15.73 1.58
CA ALA C 29 3.56 -14.70 0.54
C ALA C 29 4.50 -13.57 0.94
N ARG C 30 4.54 -13.23 2.23
CA ARG C 30 5.43 -12.19 2.71
C ARG C 30 6.86 -12.69 2.92
N ARG C 31 7.09 -14.00 2.85
CA ARG C 31 8.40 -14.58 3.05
C ARG C 31 9.24 -14.60 1.78
N THR C 32 8.67 -14.22 0.64
CA THR C 32 9.39 -14.19 -0.62
C THR C 32 9.42 -12.76 -1.16
N LEU C 33 10.35 -12.53 -2.08
CA LEU C 33 10.52 -11.23 -2.70
C LEU C 33 10.03 -11.29 -4.15
N ARG C 34 9.18 -10.35 -4.52
CA ARG C 34 8.62 -10.28 -5.87
C ARG C 34 9.40 -9.28 -6.70
N LEU C 35 9.76 -9.67 -7.91
CA LEU C 35 10.59 -8.87 -8.80
C LEU C 35 9.90 -8.72 -10.14
N LEU C 36 10.07 -7.56 -10.76
CA LEU C 36 9.50 -7.26 -12.07
C LEU C 36 10.64 -7.19 -13.07
N LEU C 37 10.57 -8.04 -14.10
CA LEU C 37 11.59 -8.11 -15.13
C LEU C 37 11.14 -7.28 -16.33
N LEU C 38 11.93 -6.27 -16.68
CA LEU C 38 11.61 -5.38 -17.78
C LEU C 38 12.82 -5.22 -18.69
N GLY C 39 12.55 -4.86 -19.93
CA GLY C 39 13.61 -4.65 -20.90
C GLY C 39 13.05 -4.63 -22.30
N ALA C 40 13.92 -4.23 -23.23
CA ALA C 40 13.53 -4.15 -24.64
C ALA C 40 13.66 -5.52 -25.30
N ASP C 41 13.31 -5.57 -26.58
CA ASP C 41 13.43 -6.81 -27.33
C ASP C 41 14.89 -7.12 -27.64
N ASN C 42 15.20 -8.43 -27.62
CA ASN C 42 16.54 -8.97 -27.87
C ASN C 42 17.57 -8.42 -26.89
N SER C 43 17.17 -8.17 -25.65
CA SER C 43 18.07 -7.74 -24.60
C SER C 43 18.48 -8.87 -23.67
N GLY C 44 18.04 -10.09 -23.93
CA GLY C 44 18.37 -11.21 -23.08
C GLY C 44 17.78 -11.18 -21.68
N LYS C 45 16.49 -10.83 -21.55
CA LYS C 45 15.85 -10.86 -20.25
C LYS C 45 15.67 -12.30 -19.76
N SER C 46 15.40 -13.23 -20.66
CA SER C 46 15.19 -14.62 -20.27
C SER C 46 16.49 -15.32 -19.89
N THR C 47 17.64 -14.79 -20.30
CA THR C 47 18.93 -15.39 -19.99
C THR C 47 19.64 -14.68 -18.83
N ILE C 48 18.94 -13.83 -18.09
CA ILE C 48 19.55 -13.15 -16.95
C ILE C 48 19.81 -14.15 -15.83
N VAL C 49 18.82 -14.96 -15.49
CA VAL C 49 18.92 -15.96 -14.43
C VAL C 49 18.85 -17.34 -15.06
N LYS C 50 19.83 -18.19 -14.77
CA LYS C 50 19.94 -19.51 -15.37
C LYS C 50 19.19 -20.58 -14.60
N GLN C 51 18.21 -20.20 -13.78
CA GLN C 51 17.41 -21.16 -13.02
C GLN C 51 15.93 -20.84 -13.12
N ILE C 68 1.42 -13.67 -18.74
CA ILE C 68 2.52 -13.36 -17.82
C ILE C 68 3.32 -14.63 -17.56
N PHE C 69 4.63 -14.49 -17.37
CA PHE C 69 5.53 -15.61 -17.11
C PHE C 69 6.19 -15.41 -15.76
N GLU C 70 6.31 -16.48 -14.98
CA GLU C 70 6.86 -16.43 -13.63
C GLU C 70 8.12 -17.27 -13.56
N THR C 71 9.14 -16.74 -12.89
CA THR C 71 10.41 -17.43 -12.69
C THR C 71 10.72 -17.45 -11.20
N LYS C 72 11.06 -18.63 -10.69
CA LYS C 72 11.37 -18.82 -9.29
C LYS C 72 12.81 -19.31 -9.13
N PHE C 73 13.55 -18.64 -8.25
CA PHE C 73 14.90 -19.09 -7.91
C PHE C 73 15.18 -18.69 -6.46
N GLN C 74 16.11 -19.42 -5.85
CA GLN C 74 16.40 -19.26 -4.43
C GLN C 74 17.90 -19.03 -4.24
N VAL C 75 18.25 -17.94 -3.57
CA VAL C 75 19.64 -17.61 -3.24
C VAL C 75 19.73 -17.46 -1.73
N ASP C 76 20.61 -18.26 -1.11
CA ASP C 76 20.85 -18.27 0.35
C ASP C 76 19.56 -18.49 1.14
N LYS C 77 18.75 -19.45 0.68
CA LYS C 77 17.45 -19.82 1.27
C LYS C 77 16.48 -18.64 1.34
N VAL C 78 16.57 -17.73 0.37
CA VAL C 78 15.62 -16.64 0.20
C VAL C 78 14.96 -16.80 -1.15
N ASN C 79 13.63 -16.82 -1.15
CA ASN C 79 12.87 -17.11 -2.37
C ASN C 79 12.61 -15.81 -3.14
N PHE C 80 12.89 -15.85 -4.44
CA PHE C 80 12.64 -14.72 -5.32
C PHE C 80 11.63 -15.12 -6.40
N HIS C 81 10.84 -14.14 -6.83
CA HIS C 81 9.83 -14.35 -7.87
C HIS C 81 9.99 -13.26 -8.92
N MET C 82 10.33 -13.66 -10.15
CA MET C 82 10.48 -12.73 -11.26
C MET C 82 9.27 -12.84 -12.18
N PHE C 83 8.72 -11.69 -12.56
CA PHE C 83 7.56 -11.63 -13.43
C PHE C 83 7.86 -10.74 -14.62
N ASP C 84 7.57 -11.23 -15.82
CA ASP C 84 7.63 -10.43 -17.03
C ASP C 84 6.36 -10.64 -17.84
N VAL C 85 5.93 -9.58 -18.53
CA VAL C 85 4.69 -9.59 -19.29
C VAL C 85 5.05 -9.56 -20.77
N GLY C 86 4.54 -10.54 -21.51
CA GLY C 86 4.81 -10.62 -22.94
C GLY C 86 3.81 -9.86 -23.77
N ARG C 92 0.94 -1.68 -22.02
CA ARG C 92 2.35 -1.32 -21.97
C ARG C 92 2.69 -0.57 -20.69
N ARG C 93 2.12 0.63 -20.55
CA ARG C 93 2.37 1.49 -19.40
C ARG C 93 1.19 1.55 -18.45
N LYS C 94 0.21 0.66 -18.60
CA LYS C 94 -0.98 0.66 -17.75
C LYS C 94 -0.95 -0.44 -16.69
N TRP C 95 -0.42 -1.62 -17.03
CA TRP C 95 -0.33 -2.70 -16.05
C TRP C 95 0.83 -2.53 -15.07
N ILE C 96 1.57 -1.42 -15.15
CA ILE C 96 2.65 -1.13 -14.22
C ILE C 96 2.10 -0.83 -12.83
N GLN C 97 0.82 -0.46 -12.71
CA GLN C 97 0.20 -0.25 -11.40
C GLN C 97 0.03 -1.54 -10.62
N CYS C 98 0.03 -2.70 -11.30
CA CYS C 98 -0.10 -3.98 -10.62
C CYS C 98 1.15 -4.34 -9.83
N PHE C 99 2.30 -3.75 -10.16
CA PHE C 99 3.57 -4.05 -9.52
C PHE C 99 4.01 -2.90 -8.61
N ASN C 100 3.07 -2.29 -7.91
CA ASN C 100 3.37 -1.20 -6.98
C ASN C 100 4.08 -1.68 -5.73
N ASP C 101 3.91 -2.95 -5.35
CA ASP C 101 4.43 -3.47 -4.09
C ASP C 101 5.56 -4.47 -4.28
N VAL C 102 6.22 -4.45 -5.44
CA VAL C 102 7.35 -5.35 -5.65
C VAL C 102 8.57 -4.82 -4.90
N THR C 103 9.54 -5.72 -4.68
CA THR C 103 10.78 -5.32 -4.02
C THR C 103 11.66 -4.49 -4.94
N ALA C 104 11.80 -4.91 -6.19
CA ALA C 104 12.67 -4.22 -7.14
C ALA C 104 12.18 -4.48 -8.55
N ILE C 105 12.69 -3.68 -9.47
CA ILE C 105 12.41 -3.82 -10.90
C ILE C 105 13.73 -4.12 -11.59
N ILE C 106 13.77 -5.25 -12.30
CA ILE C 106 14.97 -5.68 -13.01
C ILE C 106 14.86 -5.16 -14.43
N PHE C 107 15.62 -4.11 -14.74
CA PHE C 107 15.63 -3.50 -16.07
C PHE C 107 16.89 -3.95 -16.80
N VAL C 108 16.72 -4.53 -17.98
CA VAL C 108 17.81 -5.11 -18.74
C VAL C 108 18.01 -4.29 -20.01
N VAL C 109 19.25 -3.85 -20.24
CA VAL C 109 19.59 -3.00 -21.38
C VAL C 109 20.61 -3.74 -22.23
N ASP C 110 20.37 -3.78 -23.54
CA ASP C 110 21.36 -4.28 -24.49
C ASP C 110 22.41 -3.18 -24.70
N SER C 111 23.59 -3.38 -24.13
CA SER C 111 24.68 -2.41 -24.27
C SER C 111 25.49 -2.60 -25.54
N SER C 112 25.17 -3.60 -26.36
CA SER C 112 25.91 -3.83 -27.59
C SER C 112 25.51 -2.81 -28.66
N ASP C 113 24.24 -2.80 -29.05
CA ASP C 113 23.77 -1.87 -30.06
C ASP C 113 23.63 -0.47 -29.49
N TYR C 114 23.78 0.53 -30.38
CA TYR C 114 23.69 1.92 -29.98
C TYR C 114 22.47 2.64 -30.57
N ASN C 115 21.85 2.08 -31.60
CA ASN C 115 20.65 2.70 -32.17
C ASN C 115 19.48 2.64 -31.19
N ARG C 116 19.31 1.51 -30.52
CA ARG C 116 18.25 1.33 -29.54
C ARG C 116 18.68 1.72 -28.14
N LEU C 117 19.91 2.20 -27.97
CA LEU C 117 20.41 2.58 -26.65
C LEU C 117 19.76 3.88 -26.17
N GLN C 118 19.52 4.82 -27.08
CA GLN C 118 18.79 6.03 -26.72
C GLN C 118 17.33 5.72 -26.42
N GLU C 119 16.74 4.76 -27.13
CA GLU C 119 15.39 4.31 -26.82
C GLU C 119 15.34 3.63 -25.47
N ALA C 120 16.37 2.86 -25.13
CA ALA C 120 16.44 2.23 -23.81
C ALA C 120 16.67 3.25 -22.71
N LEU C 121 17.38 4.34 -23.01
CA LEU C 121 17.53 5.43 -22.05
C LEU C 121 16.20 6.13 -21.79
N ASN C 122 15.41 6.34 -22.84
CA ASN C 122 14.10 6.94 -22.67
C ASN C 122 13.11 5.99 -22.02
N ASP C 123 13.27 4.69 -22.26
CA ASP C 123 12.42 3.70 -21.60
C ASP C 123 12.72 3.63 -20.10
N PHE C 124 13.99 3.77 -19.73
CA PHE C 124 14.35 3.81 -18.31
C PHE C 124 13.88 5.09 -17.64
N LYS C 125 13.87 6.21 -18.38
CA LYS C 125 13.48 7.49 -17.81
C LYS C 125 11.98 7.52 -17.50
N SER C 126 11.17 6.91 -18.35
CA SER C 126 9.74 6.85 -18.08
C SER C 126 9.42 5.90 -16.92
N ILE C 127 10.18 4.81 -16.80
CA ILE C 127 9.98 3.89 -15.69
C ILE C 127 10.44 4.52 -14.37
N TRP C 128 11.57 5.22 -14.39
CA TRP C 128 12.08 5.86 -13.18
C TRP C 128 11.19 7.01 -12.74
N ASN C 129 10.75 7.85 -13.69
CA ASN C 129 9.87 8.96 -13.38
C ASN C 129 8.41 8.58 -13.56
N ASN C 130 7.99 7.51 -12.88
CA ASN C 130 6.62 7.02 -12.93
C ASN C 130 5.90 7.37 -11.64
N ARG C 131 4.58 7.51 -11.73
CA ARG C 131 3.78 7.85 -10.56
C ARG C 131 3.75 6.71 -9.55
N TRP C 132 3.62 5.47 -10.03
CA TRP C 132 3.53 4.31 -9.16
C TRP C 132 4.88 3.68 -8.88
N LEU C 133 5.97 4.21 -9.43
CA LEU C 133 7.32 3.71 -9.17
C LEU C 133 8.13 4.89 -8.63
N ARG C 134 8.02 5.12 -7.32
CA ARG C 134 8.77 6.17 -6.65
C ARG C 134 9.50 5.60 -5.44
N THR C 135 8.92 4.57 -4.84
CA THR C 135 9.53 3.87 -3.72
C THR C 135 10.13 2.53 -4.13
N ILE C 136 10.20 2.25 -5.44
CA ILE C 136 10.65 0.97 -5.94
C ILE C 136 12.02 1.16 -6.59
N SER C 137 13.03 0.51 -6.03
CA SER C 137 14.37 0.58 -6.59
C SER C 137 14.45 -0.24 -7.88
N VAL C 138 15.40 0.12 -8.72
CA VAL C 138 15.59 -0.51 -10.01
C VAL C 138 16.95 -1.19 -10.01
N ILE C 139 16.98 -2.50 -10.27
CA ILE C 139 18.23 -3.23 -10.43
C ILE C 139 18.57 -3.22 -11.91
N LEU C 140 19.47 -2.33 -12.30
CA LEU C 140 19.83 -2.18 -13.71
C LEU C 140 20.82 -3.27 -14.12
N PHE C 141 20.58 -3.86 -15.28
CA PHE C 141 21.42 -4.93 -15.82
C PHE C 141 21.84 -4.56 -17.23
N LEU C 142 23.02 -3.96 -17.36
CA LEU C 142 23.57 -3.62 -18.67
C LEU C 142 24.11 -4.90 -19.30
N ASN C 143 23.24 -5.60 -20.02
CA ASN C 143 23.55 -6.91 -20.56
C ASN C 143 24.46 -6.80 -21.78
N LYS C 144 25.06 -7.94 -22.15
CA LYS C 144 25.89 -8.11 -23.34
C LYS C 144 27.11 -7.17 -23.32
N GLN C 145 27.82 -7.18 -22.20
CA GLN C 145 29.05 -6.38 -22.09
C GLN C 145 30.21 -6.99 -22.85
N ASP C 146 30.13 -8.27 -23.21
CA ASP C 146 31.18 -8.87 -24.04
C ASP C 146 31.06 -8.42 -25.49
N LEU C 147 29.84 -8.24 -25.98
CA LEU C 147 29.64 -7.67 -27.30
C LEU C 147 29.94 -6.18 -27.32
N LEU C 148 29.73 -5.50 -26.18
CA LEU C 148 30.12 -4.10 -26.06
C LEU C 148 31.63 -3.94 -26.11
N ALA C 149 32.36 -4.86 -25.46
CA ALA C 149 33.82 -4.82 -25.49
C ALA C 149 34.36 -5.17 -26.87
N GLU C 150 33.68 -6.05 -27.61
CA GLU C 150 34.11 -6.38 -28.96
C GLU C 150 33.83 -5.25 -29.94
N LYS C 151 32.77 -4.46 -29.69
CA LYS C 151 32.43 -3.37 -30.60
C LYS C 151 33.41 -2.21 -30.46
N VAL C 152 33.82 -1.89 -29.23
CA VAL C 152 34.70 -0.73 -29.02
C VAL C 152 36.15 -1.03 -29.36
N LEU C 153 36.51 -2.30 -29.55
CA LEU C 153 37.87 -2.66 -29.95
C LEU C 153 38.01 -2.80 -31.46
N ALA C 154 36.95 -2.55 -32.23
CA ALA C 154 37.00 -2.67 -33.68
C ALA C 154 36.94 -1.29 -34.33
N SER C 157 30.00 1.42 -35.51
CA SER C 157 30.98 0.93 -34.56
C SER C 157 31.54 2.07 -33.72
N LYS C 158 31.12 3.29 -34.04
CA LYS C 158 31.57 4.49 -33.33
C LYS C 158 30.50 4.92 -32.33
N ILE C 159 30.88 4.95 -31.05
CA ILE C 159 29.96 5.37 -30.01
C ILE C 159 29.82 6.90 -30.01
N GLU C 160 30.83 7.61 -30.49
CA GLU C 160 30.77 9.07 -30.54
C GLU C 160 29.76 9.58 -31.57
N ASP C 161 29.50 8.80 -32.61
CA ASP C 161 28.48 9.20 -33.60
C ASP C 161 27.09 9.13 -33.01
N TYR C 162 26.79 8.10 -32.22
CA TYR C 162 25.49 7.95 -31.58
C TYR C 162 25.38 8.74 -30.29
N PHE C 163 26.48 9.27 -29.77
CA PHE C 163 26.46 10.04 -28.54
C PHE C 163 27.53 11.13 -28.60
N PRO C 164 27.14 12.40 -28.76
CA PRO C 164 28.14 13.48 -28.80
C PRO C 164 28.77 13.79 -27.47
N GLU C 165 28.18 13.34 -26.36
CA GLU C 165 28.71 13.61 -25.03
C GLU C 165 29.87 12.70 -24.66
N PHE C 166 30.14 11.64 -25.44
CA PHE C 166 31.28 10.78 -25.16
C PHE C 166 32.59 11.49 -25.48
N ALA C 167 32.57 12.44 -26.41
CA ALA C 167 33.72 13.30 -26.63
C ALA C 167 33.92 14.21 -25.43
N ARG C 168 35.19 14.51 -25.14
CA ARG C 168 35.63 15.30 -23.98
C ARG C 168 35.15 14.67 -22.67
N TYR C 169 35.17 13.34 -22.60
CA TYR C 169 34.81 12.59 -21.41
C TYR C 169 36.00 11.75 -20.98
N THR C 170 36.34 11.82 -19.70
CA THR C 170 37.48 11.08 -19.14
C THR C 170 36.99 10.12 -18.07
N THR C 171 37.70 9.01 -17.93
CA THR C 171 37.41 8.06 -16.88
C THR C 171 37.79 8.66 -15.53
N PRO C 172 36.94 8.54 -14.50
CA PRO C 172 37.28 9.05 -13.17
C PRO C 172 38.48 8.32 -12.58
N GLU C 173 39.19 9.04 -11.70
CA GLU C 173 40.42 8.50 -11.13
C GLU C 173 40.13 7.37 -10.14
N ASP C 174 38.97 7.36 -9.51
CA ASP C 174 38.58 6.29 -8.60
C ASP C 174 37.83 5.17 -9.32
N ALA C 175 38.43 4.66 -10.39
CA ALA C 175 37.85 3.58 -11.18
C ALA C 175 38.74 2.35 -11.08
N THR C 176 38.12 1.19 -10.88
CA THR C 176 38.82 -0.07 -10.72
C THR C 176 38.36 -1.08 -11.76
N PRO C 177 39.05 -1.17 -12.91
N PRO C 177 39.05 -1.17 -12.91
CA PRO C 177 38.74 -2.24 -13.87
CA PRO C 177 38.74 -2.24 -13.87
C PRO C 177 39.08 -3.60 -13.28
C PRO C 177 39.08 -3.60 -13.28
N GLU C 178 38.07 -4.48 -13.21
CA GLU C 178 38.29 -5.79 -12.58
C GLU C 178 39.14 -6.74 -13.43
N PRO C 179 38.70 -7.19 -14.64
CA PRO C 179 39.45 -8.28 -15.28
C PRO C 179 40.60 -7.82 -16.16
N GLY C 180 41.36 -6.82 -15.71
CA GLY C 180 42.48 -6.29 -16.50
C GLY C 180 42.11 -5.79 -17.88
N GLU C 181 40.95 -5.14 -18.00
CA GLU C 181 40.41 -4.83 -19.31
C GLU C 181 41.06 -3.58 -19.89
N ASP C 182 40.76 -3.33 -21.16
CA ASP C 182 41.33 -2.20 -21.88
C ASP C 182 40.71 -0.89 -21.37
N PRO C 183 41.49 0.18 -21.28
CA PRO C 183 40.92 1.48 -20.86
C PRO C 183 39.87 2.03 -21.81
N ARG C 184 39.91 1.68 -23.10
CA ARG C 184 38.84 2.07 -24.01
C ARG C 184 37.55 1.36 -23.68
N VAL C 185 37.63 0.10 -23.22
CA VAL C 185 36.44 -0.62 -22.78
C VAL C 185 35.90 -0.01 -21.49
N THR C 186 36.80 0.33 -20.56
CA THR C 186 36.39 0.88 -19.26
C THR C 186 35.78 2.26 -19.42
N ARG C 187 36.34 3.09 -20.31
CA ARG C 187 35.76 4.40 -20.58
C ARG C 187 34.39 4.27 -21.25
N ALA C 188 34.24 3.28 -22.14
CA ALA C 188 32.95 3.05 -22.78
C ALA C 188 31.93 2.51 -21.78
N LYS C 189 32.36 1.60 -20.90
CA LYS C 189 31.44 1.01 -19.92
C LYS C 189 31.02 2.05 -18.87
N TYR C 190 31.94 2.90 -18.44
CA TYR C 190 31.59 3.92 -17.45
C TYR C 190 30.70 5.01 -18.04
N PHE C 191 30.78 5.23 -19.36
CA PHE C 191 29.91 6.22 -19.99
C PHE C 191 28.47 5.73 -20.07
N ILE C 192 28.29 4.43 -20.37
CA ILE C 192 26.94 3.87 -20.45
C ILE C 192 26.29 3.85 -19.07
N ARG C 193 27.09 3.57 -18.03
CA ARG C 193 26.56 3.63 -16.67
C ARG C 193 26.20 5.07 -16.28
N LYS C 194 27.06 6.03 -16.65
CA LYS C 194 26.86 7.43 -16.29
C LYS C 194 25.54 7.96 -16.82
N GLU C 195 25.20 7.61 -18.07
CA GLU C 195 23.95 8.07 -18.67
C GLU C 195 22.72 7.48 -18.00
N PHE C 196 22.86 6.33 -17.35
CA PHE C 196 21.75 5.69 -16.66
C PHE C 196 21.65 6.08 -15.19
N VAL C 197 22.64 6.78 -14.64
CA VAL C 197 22.58 7.21 -13.25
C VAL C 197 22.33 8.70 -13.10
N ASP C 198 22.55 9.51 -14.14
CA ASP C 198 22.12 10.91 -14.05
C ASP C 198 20.60 11.02 -14.13
N ILE C 199 19.96 10.06 -14.80
CA ILE C 199 18.50 9.97 -14.77
C ILE C 199 18.03 9.60 -13.38
N SER C 200 18.74 8.68 -12.71
CA SER C 200 18.31 8.21 -11.40
C SER C 200 18.57 9.23 -10.31
N THR C 201 19.62 10.04 -10.44
CA THR C 201 19.92 11.06 -9.44
C THR C 201 19.20 12.37 -9.70
N ALA C 202 18.51 12.51 -10.83
CA ALA C 202 17.76 13.73 -11.10
C ALA C 202 16.48 13.78 -10.26
N SER C 203 15.79 12.65 -10.12
CA SER C 203 14.56 12.55 -9.34
C SER C 203 14.76 11.55 -8.21
N GLY C 204 13.68 11.26 -7.49
CA GLY C 204 13.72 10.30 -6.42
C GLY C 204 14.22 10.87 -5.10
N ASP C 205 15.47 11.35 -5.10
CA ASP C 205 16.14 11.96 -3.95
C ASP C 205 16.19 11.01 -2.74
N GLY C 206 16.65 9.79 -2.99
CA GLY C 206 16.88 8.82 -1.94
C GLY C 206 15.71 7.91 -1.63
N ARG C 207 14.54 8.13 -2.24
CA ARG C 207 13.42 7.23 -2.02
C ARG C 207 13.64 5.88 -2.68
N HIS C 208 14.20 5.88 -3.90
CA HIS C 208 14.48 4.65 -4.61
C HIS C 208 15.77 4.84 -5.39
N ILE C 209 16.54 3.76 -5.50
CA ILE C 209 17.94 3.81 -5.93
C ILE C 209 18.17 2.84 -7.07
N CYS C 210 18.82 3.30 -8.14
CA CYS C 210 19.23 2.44 -9.24
C CYS C 210 20.57 1.81 -8.92
N TYR C 211 20.66 0.47 -9.03
CA TYR C 211 21.89 -0.25 -8.70
C TYR C 211 22.51 -0.84 -9.97
N PRO C 212 23.34 -0.09 -10.70
CA PRO C 212 23.86 -0.57 -11.99
C PRO C 212 24.76 -1.79 -11.82
N HIS C 213 25.05 -2.46 -12.94
CA HIS C 213 25.92 -3.65 -13.05
C HIS C 213 26.25 -3.87 -14.52
N PHE C 214 26.89 -5.00 -14.80
CA PHE C 214 27.31 -5.41 -16.14
C PHE C 214 27.27 -6.93 -16.21
N THR C 215 26.80 -7.45 -17.34
CA THR C 215 26.55 -8.88 -17.49
C THR C 215 27.02 -9.37 -18.85
N CYS C 216 27.77 -10.46 -18.85
CA CYS C 216 28.19 -11.11 -20.08
C CYS C 216 27.09 -12.04 -20.60
N ALA C 217 27.39 -12.77 -21.67
CA ALA C 217 26.42 -13.73 -22.20
C ALA C 217 26.34 -15.00 -21.35
N VAL C 218 27.43 -15.36 -20.67
CA VAL C 218 27.50 -16.61 -19.93
C VAL C 218 27.74 -16.33 -18.44
N ASP C 219 27.34 -15.15 -17.98
CA ASP C 219 27.53 -14.80 -16.59
C ASP C 219 26.54 -15.54 -15.71
N THR C 220 27.05 -16.18 -14.65
CA THR C 220 26.23 -16.94 -13.73
C THR C 220 26.13 -16.29 -12.35
N GLU C 221 26.62 -15.06 -12.22
CA GLU C 221 26.61 -14.35 -10.94
C GLU C 221 25.46 -13.36 -10.83
N ASN C 222 24.49 -13.42 -11.74
CA ASN C 222 23.37 -12.49 -11.70
C ASN C 222 22.42 -12.78 -10.54
N ALA C 223 22.37 -14.04 -10.10
CA ALA C 223 21.54 -14.39 -8.96
C ALA C 223 22.09 -13.78 -7.66
N ARG C 224 23.43 -13.71 -7.55
CA ARG C 224 24.03 -13.07 -6.38
C ARG C 224 23.89 -11.56 -6.44
N ARG C 225 23.93 -10.97 -7.65
CA ARG C 225 23.82 -9.52 -7.78
C ARG C 225 22.42 -9.05 -7.43
N ILE C 226 21.39 -9.82 -7.80
CA ILE C 226 20.03 -9.50 -7.39
C ILE C 226 19.86 -9.67 -5.89
N PHE C 227 20.50 -10.71 -5.32
CA PHE C 227 20.42 -10.95 -3.89
C PHE C 227 21.11 -9.86 -3.10
N ASN C 228 22.27 -9.37 -3.57
CA ASN C 228 22.98 -8.31 -2.87
C ASN C 228 22.27 -6.97 -2.99
N ASP C 229 21.61 -6.72 -4.12
CA ASP C 229 20.89 -5.47 -4.29
C ASP C 229 19.57 -5.48 -3.52
N CYS C 230 18.87 -6.60 -3.51
CA CYS C 230 17.67 -6.73 -2.68
C CYS C 230 18.01 -6.75 -1.20
N LYS C 231 19.24 -7.13 -0.85
CA LYS C 231 19.72 -6.94 0.52
C LYS C 231 19.77 -5.47 0.89
N ASP C 232 20.23 -4.63 -0.05
CA ASP C 232 20.35 -3.20 0.21
C ASP C 232 18.99 -2.50 0.21
N ILE C 233 18.04 -3.01 -0.57
CA ILE C 233 16.73 -2.39 -0.67
C ILE C 233 15.95 -2.58 0.62
N ILE C 234 15.96 -3.80 1.15
CA ILE C 234 15.27 -4.09 2.42
C ILE C 234 15.99 -3.39 3.58
N LEU C 235 17.32 -3.31 3.50
CA LEU C 235 18.09 -2.58 4.51
C LEU C 235 17.75 -1.09 4.49
N GLN C 236 17.62 -0.50 3.30
CA GLN C 236 17.25 0.91 3.21
C GLN C 236 15.82 1.12 3.68
N MET C 237 14.95 0.13 3.49
CA MET C 237 13.61 0.19 4.06
C MET C 237 13.66 0.08 5.59
N ASN C 238 14.60 -0.72 6.11
CA ASN C 238 14.74 -0.85 7.56
C ASN C 238 15.38 0.39 8.18
N LEU C 239 16.30 1.04 7.47
CA LEU C 239 16.89 2.26 8.00
C LEU C 239 15.92 3.42 8.00
N ARG C 240 15.02 3.47 7.02
CA ARG C 240 13.94 4.44 7.06
C ARG C 240 12.88 4.04 8.07
N GLU C 241 12.78 2.75 8.39
CA GLU C 241 11.88 2.29 9.45
C GLU C 241 12.31 2.82 10.81
N TYR C 242 13.62 2.84 11.08
CA TYR C 242 14.16 3.26 12.36
C TYR C 242 14.61 4.71 12.38
N ASN C 243 14.38 5.44 11.27
CA ASN C 243 14.78 6.84 11.09
C ASN C 243 16.30 7.01 11.28
N LEU C 244 17.06 6.19 10.55
CA LEU C 244 18.51 6.28 10.57
C LEU C 244 19.10 6.78 9.26
N VAL C 245 18.49 6.43 8.12
CA VAL C 245 18.85 6.91 6.79
C VAL C 245 17.51 6.97 6.07
N THR D 6 -8.09 -8.46 -49.26
CA THR D 6 -9.46 -7.94 -49.28
C THR D 6 -9.99 -7.74 -47.86
N ALA D 7 -9.12 -7.99 -46.88
CA ALA D 7 -9.52 -7.80 -45.48
C ALA D 7 -9.64 -6.32 -45.13
N SER D 8 -8.74 -5.49 -45.66
CA SER D 8 -8.81 -4.06 -45.39
C SER D 8 -9.96 -3.40 -46.13
N ILE D 9 -10.30 -3.90 -47.32
CA ILE D 9 -11.43 -3.35 -48.07
C ILE D 9 -12.74 -3.71 -47.39
N ALA D 10 -12.84 -4.94 -46.87
CA ALA D 10 -14.07 -5.36 -46.19
C ALA D 10 -14.24 -4.65 -44.85
N GLN D 11 -13.12 -4.39 -44.15
CA GLN D 11 -13.20 -3.67 -42.88
C GLN D 11 -13.55 -2.21 -43.08
N ALA D 12 -13.05 -1.60 -44.16
CA ALA D 12 -13.43 -0.23 -44.47
C ALA D 12 -14.87 -0.13 -44.95
N ARG D 13 -15.37 -1.16 -45.64
CA ARG D 13 -16.77 -1.18 -46.05
C ARG D 13 -17.69 -1.35 -44.85
N LYS D 14 -17.27 -2.15 -43.86
CA LYS D 14 -18.06 -2.33 -42.65
C LYS D 14 -18.04 -1.07 -41.78
N LEU D 15 -16.93 -0.32 -41.81
CA LEU D 15 -16.86 0.93 -41.07
C LEU D 15 -17.74 2.00 -41.68
N VAL D 16 -17.89 1.99 -43.01
CA VAL D 16 -18.83 2.88 -43.68
C VAL D 16 -20.27 2.49 -43.35
N GLU D 17 -20.55 1.18 -43.36
CA GLU D 17 -21.89 0.70 -43.04
C GLU D 17 -22.24 0.93 -41.58
N GLN D 18 -21.23 0.89 -40.70
CA GLN D 18 -21.48 1.24 -39.31
C GLN D 18 -21.73 2.72 -39.14
N LEU D 19 -21.07 3.57 -39.93
CA LEU D 19 -21.37 5.00 -39.90
C LEU D 19 -22.73 5.30 -40.53
N LYS D 20 -23.15 4.49 -41.50
CA LYS D 20 -24.49 4.63 -42.07
C LYS D 20 -25.57 4.22 -41.07
N MET D 21 -25.27 3.21 -40.25
CA MET D 21 -26.21 2.82 -39.20
C MET D 21 -26.29 3.88 -38.12
N GLU D 22 -25.18 4.58 -37.88
CA GLU D 22 -25.17 5.67 -36.90
C GLU D 22 -25.91 6.89 -37.42
N ALA D 23 -25.90 7.11 -38.74
CA ALA D 23 -26.61 8.24 -39.33
C ALA D 23 -28.11 7.99 -39.40
N ASN D 24 -28.51 6.74 -39.62
CA ASN D 24 -29.93 6.40 -39.73
C ASN D 24 -30.47 5.98 -38.36
N ILE D 25 -30.51 6.96 -37.45
CA ILE D 25 -31.03 6.76 -36.12
C ILE D 25 -31.97 7.92 -35.81
N ASP D 26 -32.91 7.67 -34.89
CA ASP D 26 -33.87 8.69 -34.47
C ASP D 26 -33.24 9.54 -33.37
N ARG D 27 -32.95 10.79 -33.67
CA ARG D 27 -32.31 11.70 -32.73
C ARG D 27 -33.38 12.57 -32.07
N ILE D 28 -33.86 12.10 -30.92
CA ILE D 28 -34.81 12.86 -30.13
C ILE D 28 -34.07 14.05 -29.50
N LYS D 29 -34.74 15.20 -29.44
CA LYS D 29 -34.14 16.43 -28.96
C LYS D 29 -33.78 16.33 -27.48
N VAL D 30 -32.81 17.16 -27.08
CA VAL D 30 -32.25 17.08 -25.73
C VAL D 30 -33.27 17.56 -24.70
N SER D 31 -34.06 18.58 -25.03
CA SER D 31 -35.06 19.10 -24.11
C SER D 31 -36.16 18.08 -23.83
N LYS D 32 -36.50 17.25 -24.82
CA LYS D 32 -37.37 16.11 -24.55
C LYS D 32 -36.62 15.00 -23.82
N ALA D 33 -35.33 14.85 -24.10
CA ALA D 33 -34.54 13.80 -23.44
C ALA D 33 -34.22 14.15 -22.00
N ALA D 34 -33.91 15.41 -21.72
CA ALA D 34 -33.59 15.81 -20.35
C ALA D 34 -34.84 15.84 -19.47
N ALA D 35 -36.01 16.06 -20.07
CA ALA D 35 -37.25 16.03 -19.30
C ALA D 35 -37.63 14.61 -18.92
N ASP D 36 -37.19 13.62 -19.69
CA ASP D 36 -37.47 12.22 -19.36
C ASP D 36 -36.68 11.77 -18.14
N LEU D 37 -35.40 12.16 -18.06
CA LEU D 37 -34.60 11.81 -16.89
C LEU D 37 -34.99 12.64 -15.68
N MET D 38 -35.49 13.87 -15.90
CA MET D 38 -35.96 14.68 -14.78
C MET D 38 -37.25 14.12 -14.20
N ALA D 39 -38.16 13.67 -15.07
CA ALA D 39 -39.41 13.08 -14.59
C ALA D 39 -39.19 11.71 -13.97
N TYR D 40 -38.19 10.96 -14.47
CA TYR D 40 -37.89 9.65 -13.88
C TYR D 40 -37.27 9.80 -12.50
N CYS D 41 -36.46 10.84 -12.29
CA CYS D 41 -35.87 11.07 -10.98
C CYS D 41 -36.90 11.55 -9.97
N GLU D 42 -37.89 12.32 -10.42
CA GLU D 42 -38.92 12.82 -9.52
C GLU D 42 -39.93 11.74 -9.16
N ALA D 43 -40.24 10.84 -10.09
CA ALA D 43 -41.23 9.81 -9.83
C ALA D 43 -40.69 8.72 -8.91
N HIS D 44 -39.39 8.43 -8.99
CA HIS D 44 -38.77 7.39 -8.18
C HIS D 44 -38.03 7.94 -6.97
N ALA D 45 -38.24 9.22 -6.64
CA ALA D 45 -37.55 9.82 -5.50
C ALA D 45 -38.07 9.28 -4.18
N LYS D 46 -39.31 8.81 -4.14
CA LYS D 46 -39.86 8.23 -2.91
C LYS D 46 -39.28 6.84 -2.65
N GLU D 47 -38.86 6.14 -3.71
CA GLU D 47 -38.34 4.79 -3.60
C GLU D 47 -36.81 4.73 -3.49
N ASP D 48 -36.14 5.87 -3.39
CA ASP D 48 -34.69 5.90 -3.27
C ASP D 48 -34.30 5.99 -1.80
N PRO D 49 -33.64 4.98 -1.24
CA PRO D 49 -33.24 5.06 0.18
C PRO D 49 -31.99 5.90 0.41
N LEU D 50 -31.29 6.32 -0.65
CA LEU D 50 -30.14 7.20 -0.48
C LEU D 50 -30.52 8.68 -0.54
N LEU D 51 -31.40 9.06 -1.47
CA LEU D 51 -31.89 10.44 -1.51
C LEU D 51 -32.81 10.72 -0.35
N THR D 52 -33.72 9.80 -0.04
CA THR D 52 -34.59 9.92 1.11
C THR D 52 -34.07 9.00 2.21
N PRO D 53 -33.58 9.53 3.33
CA PRO D 53 -32.99 8.67 4.37
C PRO D 53 -34.07 7.92 5.13
N VAL D 54 -33.98 6.58 5.08
CA VAL D 54 -34.91 5.70 5.77
C VAL D 54 -34.61 5.72 7.27
N PRO D 55 -35.59 5.46 8.13
CA PRO D 55 -35.30 5.35 9.56
C PRO D 55 -34.51 4.08 9.87
N ALA D 56 -33.93 4.05 11.08
CA ALA D 56 -33.07 2.96 11.50
C ALA D 56 -33.83 1.66 11.73
N SER D 57 -35.14 1.73 11.97
CA SER D 57 -35.93 0.51 12.14
C SER D 57 -36.11 -0.22 10.82
N GLU D 58 -36.40 0.52 9.74
CA GLU D 58 -36.56 -0.10 8.43
C GLU D 58 -35.22 -0.46 7.80
N ASN D 59 -34.17 0.28 8.11
CA ASN D 59 -32.86 0.03 7.53
C ASN D 59 -32.22 -1.20 8.16
N PRO D 60 -31.85 -2.23 7.38
CA PRO D 60 -31.22 -3.42 7.97
C PRO D 60 -29.77 -3.20 8.39
N PHE D 61 -29.13 -2.11 7.97
CA PHE D 61 -27.75 -1.81 8.35
C PHE D 61 -27.79 -0.95 9.61
N ARG D 62 -27.74 -1.61 10.76
CA ARG D 62 -27.88 -1.00 12.10
C ARG D 62 -29.12 -0.14 12.26
#